data_8IRS
#
_entry.id   8IRS
#
loop_
_entity.id
_entity.type
_entity.pdbx_description
1 polymer 'Guanine nucleotide-binding protein G(i) subunit alpha-1'
2 polymer 'Guanine nucleotide-binding protein G(I)/G(S)/G(T) subunit beta-1'
3 polymer ScFv16
4 polymer 'Guanine nucleotide-binding protein G(I)/G(S)/G(O) subunit gamma-2'
5 polymer 'Soluble cytochrome b562,D(2) dopamine receptor'
6 non-polymer Rotigotine
#
loop_
_entity_poly.entity_id
_entity_poly.type
_entity_poly.pdbx_seq_one_letter_code
_entity_poly.pdbx_strand_id
1 'polypeptide(L)'
;MGCTLSAEDKAAVERSKMIDRNLREDGEKAAREVKLLLLGAGESGKNTIVKQMKIIHEAGYSEEECKQYKAVVYSNTIQS
IIAIIRAMGRLKIDFGDSARADDARQLFVLAGAAEEGFMTAELAGVIKRLWKDSGVQACFNRSREYQLNDSAAYYLNDLD
RIAQPNYIPTQQDVLRTRVKTTGIVETHFTFKDLHFKMFDVGAQRSERKKWIHCFEGVTAIIFCVALSDYDLVLAEDEEM
NRMHASMKLFDSICNNKWFTDTSIILFLNKKDLFEEKIKKSPLTICYPEYAGSNTYEEAAAYIQCQFEDLNKRKDTKEIY
THFTCSTDTKNVQFVFDAVTDVIIKNNLKDCGLF
;
A
2 'polypeptide(L)'
;MGSLLQSELDQLRQEAEQLKNQIRDARKACADATLSQITNNIDPVGRIQMRTRRTLRGHLAKIYAMHWGTDSRLLVSASQ
DGKLIIWDSYTTNKVHAIPLRSSWVMTCAYAPSGNYVACGGLDNICSIYNLKTREGNVRVSRELAGHTGYLSCCRFLDDN
QIVTSSGDTTCALWDIETGQQTTTFTGHTGDVMSLSLAPDTRLFVSGACDASAKLWDVREGMCRQTFTGHESDINAICFF
PNGNAFATGSDDATCRLFDLRADQELMTYSHDNIICGITSVSFSKSGRLLLAGYDDFNCNVWDALKADRAGVLAGHDNRV
SCLGVTDDGMAVATGSWDSFLKIWN
;
B
3 'polypeptide(L)'
;DVQLVESGGGLVQPGGSRKLSCSASGFAFSSFGMHWVRQAPEKGLEWVAYISSGSGTIYYADTVKGRFTISRDDPKNTLF
LQMTSLRSEDTAMYYCVRSIYYYGSSPFDFWGQGTTLTVSSGGGGSGGGGSGGGGSDIVMTQATSSVPVTPGESVSISCR
SSKSLLHSNGNTYLYWFLQRPGQSPQLLIYRMSNLASGVPDRFSGSGSGTAFTLTISRLEAEDVGVYYCMQHLEYPLTFG
AGTKLELK
;
E
4 'polypeptide(L)' MASNNTASIAQARKLVEQLKMEANIDRIKVSKAAADLMAYCEAHAKEDPLLTPVPASENPFREKKFFCAIL G
5 'polypeptide(L)'
;DYKDDDDAKLQTMHHHHHHHHHHHHHHHADLEDNWETLNDNLKVIEKADNAAQVKDALTKMRAAALDAQKATPPKLEDKS
PDSPEMKDFRHGFDILVGQIDDALKLANEGKVKEAQAAAEQLKTTRNAYIQKYLASENLYFQGGTMDPLNLSWYDDDLER
QNWSRPFNGSDGKADRPHYNYYATLLTLLIAVIVFGNVLVCMAVSREKALQTTTNYLIVSLAVADLLVATLVMPWVVYLE
VVGEWKFSRIHCDIFVTLDVMMCTASILNLCAISIDRYTAVAMPMLYNTRYSSKRRVTVMISIVWVLSFTISCPLLFGLN
NADQNECIIANPAFVVYSSIVSFYVPFIVTLLVYIKIYIVLRRRRKRVNTKRSSRAFRAHLRAPLKGNCTHPEDMKLCTV
IMKSNGSFPVNRRRVEAARRAQELEMEMLSSTSPPERTRYSPIPPSHHQLTLPDPSHHGLHSTPDSPAKPEKNGHAKDHP
KIAKIFEIQTMPNGKTRTSLKTMSRRKLSQQKEKKATQMLAIVLGVFIICWLPFFITHILNIHCDCNIPPVLYSAFTWLG
YVNSAVNPIIYTTFNIEFRKAFLKILHC
;
R
#
loop_
_chem_comp.id
_chem_comp.type
_chem_comp.name
_chem_comp.formula
R5F non-polymer Rotigotine 'C19 H25 N O S'
#
# COMPACT_ATOMS: atom_id res chain seq x y z
N LEU A 5 -6.62 14.04 -23.60
CA LEU A 5 -5.90 14.33 -22.33
C LEU A 5 -5.07 15.61 -22.47
N SER A 6 -5.26 16.61 -21.61
CA SER A 6 -4.66 17.96 -21.78
C SER A 6 -3.15 17.99 -21.58
N ALA A 7 -2.49 19.09 -21.97
CA ALA A 7 -1.04 19.26 -21.79
C ALA A 7 -0.61 19.27 -20.32
N GLU A 8 -1.53 19.65 -19.43
CA GLU A 8 -1.23 19.63 -18.01
C GLU A 8 -1.56 18.27 -17.40
N ASP A 9 -2.65 17.63 -17.82
CA ASP A 9 -2.97 16.29 -17.36
C ASP A 9 -1.95 15.26 -17.82
N LYS A 10 -1.36 15.40 -19.01
CA LYS A 10 -0.26 14.55 -19.47
C LYS A 10 0.98 14.74 -18.58
N ALA A 11 1.26 15.94 -18.12
CA ALA A 11 2.36 16.19 -17.19
C ALA A 11 2.02 15.75 -15.77
N ALA A 12 0.75 15.77 -15.36
CA ALA A 12 0.30 15.22 -14.09
C ALA A 12 0.32 13.70 -14.08
N VAL A 13 0.01 13.01 -15.19
CA VAL A 13 0.17 11.56 -15.35
C VAL A 13 1.64 11.20 -15.38
N GLU A 14 2.45 12.05 -15.98
CA GLU A 14 3.85 11.79 -15.91
C GLU A 14 4.28 11.84 -14.47
N ARG A 15 4.01 12.95 -13.78
CA ARG A 15 4.34 13.08 -12.36
C ARG A 15 3.88 11.85 -11.60
N SER A 16 2.66 11.38 -11.81
CA SER A 16 2.18 10.17 -11.15
C SER A 16 3.04 8.95 -11.44
N LYS A 17 3.50 8.77 -12.68
CA LYS A 17 4.46 7.72 -13.05
C LYS A 17 5.85 7.93 -12.46
N MET A 18 6.32 9.16 -12.32
CA MET A 18 7.55 9.49 -11.58
C MET A 18 7.44 9.13 -10.11
N ILE A 19 6.31 9.46 -9.47
CA ILE A 19 6.01 9.06 -8.10
C ILE A 19 6.03 7.54 -8.01
N ASP A 20 5.25 6.82 -8.82
CA ASP A 20 5.25 5.35 -8.88
C ASP A 20 6.63 4.73 -9.06
N ARG A 21 7.43 5.21 -10.00
CA ARG A 21 8.78 4.73 -10.23
C ARG A 21 9.59 4.77 -8.93
N ASN A 22 9.68 5.93 -8.28
CA ASN A 22 10.45 6.06 -7.05
C ASN A 22 9.80 5.35 -5.86
N LEU A 23 8.46 5.33 -5.78
CA LEU A 23 7.67 4.62 -4.78
C LEU A 23 7.86 3.10 -4.84
N ARG A 24 8.06 2.55 -6.04
CA ARG A 24 8.42 1.15 -6.31
C ARG A 24 9.91 0.88 -6.11
N GLU A 25 10.79 1.79 -6.46
CA GLU A 25 12.23 1.69 -6.12
C GLU A 25 12.49 1.72 -4.62
N ASP A 26 11.62 2.35 -3.83
CA ASP A 26 11.66 2.26 -2.37
C ASP A 26 11.13 0.92 -1.87
N GLY A 27 10.12 0.32 -2.49
CA GLY A 27 9.69 -1.05 -2.19
C GLY A 27 10.76 -2.10 -2.49
N GLU A 28 11.50 -1.95 -3.58
CA GLU A 28 12.68 -2.75 -3.91
C GLU A 28 13.77 -2.68 -2.82
N LYS A 29 13.82 -1.63 -2.01
CA LYS A 29 14.69 -1.51 -0.85
C LYS A 29 14.04 -2.06 0.42
N ALA A 30 12.82 -1.64 0.73
CA ALA A 30 12.10 -2.03 1.94
C ALA A 30 11.77 -3.53 2.01
N ALA A 31 11.67 -4.24 0.88
CA ALA A 31 11.51 -5.70 0.84
C ALA A 31 12.81 -6.48 1.11
N ARG A 32 13.99 -5.86 0.94
CA ARG A 32 15.29 -6.50 1.21
C ARG A 32 15.73 -6.41 2.67
N GLU A 33 15.21 -5.46 3.43
CA GLU A 33 15.39 -5.39 4.89
C GLU A 33 14.69 -6.57 5.57
N VAL A 34 15.22 -7.06 6.69
CA VAL A 34 14.61 -8.08 7.55
C VAL A 34 13.95 -7.37 8.73
N LYS A 35 12.67 -7.61 8.97
CA LYS A 35 11.90 -6.90 9.99
C LYS A 35 11.75 -7.76 11.24
N LEU A 36 12.18 -7.26 12.39
CA LEU A 36 12.16 -7.99 13.66
C LEU A 36 11.46 -7.19 14.76
N LEU A 37 10.41 -7.70 15.41
CA LEU A 37 10.10 -7.21 16.76
C LEU A 37 11.27 -7.42 17.70
N LEU A 38 11.41 -6.55 18.69
CA LEU A 38 12.16 -6.86 19.89
C LEU A 38 11.24 -6.65 21.08
N LEU A 39 11.03 -7.70 21.86
CA LEU A 39 10.16 -7.74 23.04
C LEU A 39 10.93 -8.19 24.28
N GLY A 40 10.46 -7.79 25.45
CA GLY A 40 11.05 -8.20 26.72
C GLY A 40 10.23 -7.72 27.91
N ALA A 41 10.28 -8.45 29.02
CA ALA A 41 9.47 -8.19 30.22
C ALA A 41 10.02 -7.01 31.06
N GLY A 42 9.81 -5.77 30.58
CA GLY A 42 10.41 -4.57 31.16
C GLY A 42 11.93 -4.54 30.98
N GLU A 43 12.65 -3.92 31.92
CA GLU A 43 14.12 -3.95 31.96
C GLU A 43 14.60 -5.39 32.17
N SER A 44 15.10 -6.01 31.09
CA SER A 44 15.21 -7.48 30.94
C SER A 44 16.46 -7.90 30.13
N GLY A 45 17.51 -7.07 30.12
CA GLY A 45 18.71 -7.27 29.30
C GLY A 45 18.54 -6.89 27.82
N LYS A 46 17.32 -6.56 27.41
CA LYS A 46 16.94 -6.07 26.07
C LYS A 46 17.84 -4.92 25.60
N ASN A 47 18.00 -3.89 26.43
CA ASN A 47 18.82 -2.72 26.09
C ASN A 47 20.30 -3.08 25.93
N THR A 48 20.80 -4.07 26.69
CA THR A 48 22.17 -4.59 26.54
C THR A 48 22.35 -5.26 25.19
N ILE A 49 21.43 -6.12 24.72
CA ILE A 49 21.58 -6.70 23.37
C ILE A 49 21.46 -5.64 22.28
N VAL A 50 20.61 -4.63 22.45
CA VAL A 50 20.51 -3.55 21.45
C VAL A 50 21.84 -2.85 21.29
N LYS A 51 22.50 -2.45 22.40
CA LYS A 51 23.82 -1.79 22.28
C LYS A 51 24.89 -2.75 21.77
N GLN A 52 24.92 -4.02 22.19
CA GLN A 52 25.85 -5.00 21.64
C GLN A 52 25.70 -5.15 20.12
N MET A 53 24.48 -5.32 19.62
CA MET A 53 24.21 -5.51 18.20
C MET A 53 24.50 -4.25 17.36
N LYS A 54 24.24 -3.05 17.90
CA LYS A 54 24.65 -1.79 17.27
C LYS A 54 26.18 -1.56 17.31
N ILE A 55 26.85 -2.07 18.34
CA ILE A 55 28.30 -2.01 18.54
C ILE A 55 28.93 -3.33 18.08
N THR A 182 9.94 9.29 22.81
CA THR A 182 8.68 8.59 23.06
C THR A 182 8.36 7.57 21.97
N GLY A 183 7.45 6.63 22.25
CA GLY A 183 6.99 5.60 21.31
C GLY A 183 8.12 4.67 20.86
N ILE A 184 7.86 3.83 19.86
CA ILE A 184 8.75 2.69 19.58
C ILE A 184 10.07 3.13 18.97
N VAL A 185 11.15 2.44 19.34
CA VAL A 185 12.51 2.75 18.89
C VAL A 185 12.89 1.74 17.82
N GLU A 186 13.27 2.21 16.64
CA GLU A 186 13.65 1.35 15.52
C GLU A 186 15.15 1.47 15.25
N THR A 187 15.86 0.34 15.20
CA THR A 187 17.32 0.30 15.00
C THR A 187 17.70 -0.52 13.77
N HIS A 188 18.81 -0.14 13.14
CA HIS A 188 19.26 -0.66 11.85
C HIS A 188 20.67 -1.24 11.97
N PHE A 189 20.91 -2.42 11.41
CA PHE A 189 22.25 -3.02 11.34
C PHE A 189 22.36 -3.93 10.12
N THR A 190 23.57 -4.28 9.68
CA THR A 190 23.79 -4.99 8.40
C THR A 190 24.61 -6.28 8.51
N PHE A 191 25.40 -6.45 9.58
CA PHE A 191 26.19 -7.67 9.84
C PHE A 191 26.88 -8.24 8.57
N LYS A 192 26.64 -9.52 8.23
CA LYS A 192 27.13 -10.20 7.04
C LYS A 192 26.24 -9.94 5.83
N ASP A 193 26.27 -8.68 5.40
CA ASP A 193 25.66 -8.19 4.14
C ASP A 193 24.13 -8.38 4.05
N LEU A 194 23.42 -8.23 5.17
CA LEU A 194 21.97 -8.43 5.31
C LEU A 194 21.39 -7.41 6.29
N HIS A 195 20.62 -6.44 5.79
CA HIS A 195 20.05 -5.37 6.60
C HIS A 195 18.89 -5.86 7.47
N PHE A 196 18.96 -5.57 8.76
CA PHE A 196 17.90 -5.83 9.74
C PHE A 196 17.34 -4.52 10.27
N LYS A 197 16.03 -4.46 10.44
CA LYS A 197 15.28 -3.44 11.14
C LYS A 197 14.64 -4.05 12.36
N MET A 198 14.96 -3.53 13.53
CA MET A 198 14.56 -4.11 14.81
C MET A 198 13.71 -3.11 15.58
N PHE A 199 12.48 -3.46 15.92
CA PHE A 199 11.51 -2.57 16.52
C PHE A 199 11.42 -2.82 18.03
N ASP A 200 12.15 -2.06 18.83
CA ASP A 200 11.98 -2.06 20.27
C ASP A 200 10.69 -1.35 20.62
N VAL A 201 9.62 -2.13 20.72
CA VAL A 201 8.27 -1.65 21.05
C VAL A 201 8.01 -1.47 22.54
N GLY A 202 8.97 -1.76 23.43
CA GLY A 202 8.73 -1.79 24.89
C GLY A 202 8.29 -0.46 25.53
N ALA A 203 8.51 0.66 24.84
CA ALA A 203 7.98 1.97 25.23
C ALA A 203 6.46 2.13 25.05
N GLN A 204 5.78 1.27 24.29
CA GLN A 204 4.31 1.24 24.23
C GLN A 204 3.75 0.43 25.41
N ARG A 205 3.42 1.12 26.51
CA ARG A 205 2.92 0.47 27.75
C ARG A 205 1.50 -0.08 27.64
N SER A 206 0.74 0.32 26.63
CA SER A 206 -0.72 0.11 26.57
C SER A 206 -1.16 -1.17 25.83
N GLU A 207 -2.37 -1.19 25.27
CA GLU A 207 -3.04 -2.44 24.91
C GLU A 207 -2.51 -3.07 23.61
N ARG A 208 -1.67 -4.13 23.70
CA ARG A 208 -1.08 -4.79 22.51
C ARG A 208 -2.13 -5.21 21.50
N LYS A 209 -3.32 -5.60 21.93
CA LYS A 209 -4.43 -6.00 21.05
C LYS A 209 -4.81 -4.96 19.98
N LYS A 210 -4.39 -3.69 20.14
CA LYS A 210 -4.67 -2.60 19.19
C LYS A 210 -3.47 -1.98 18.50
N TRP A 211 -2.29 -2.57 18.61
CA TRP A 211 -1.15 -2.13 17.82
C TRP A 211 -0.18 -3.23 17.44
N ILE A 212 -0.27 -4.43 18.02
CA ILE A 212 0.65 -5.52 17.68
C ILE A 212 0.40 -6.10 16.28
N HIS A 213 -0.82 -5.99 15.75
CA HIS A 213 -1.17 -6.38 14.37
C HIS A 213 -0.40 -5.63 13.29
N CYS A 214 0.30 -4.54 13.64
CA CYS A 214 1.23 -3.88 12.74
C CYS A 214 2.35 -4.81 12.33
N PHE A 215 2.79 -5.67 13.25
CA PHE A 215 3.98 -6.48 13.09
C PHE A 215 3.72 -7.85 12.47
N GLU A 216 2.54 -8.12 11.94
CA GLU A 216 2.21 -9.39 11.27
C GLU A 216 3.25 -9.81 10.20
N GLY A 217 3.84 -8.85 9.49
CA GLY A 217 4.85 -9.09 8.46
C GLY A 217 6.29 -9.28 8.95
N VAL A 218 6.53 -9.27 10.26
CA VAL A 218 7.82 -9.58 10.90
C VAL A 218 8.36 -10.94 10.50
N THR A 219 9.66 -11.01 10.21
CA THR A 219 10.38 -12.26 9.93
C THR A 219 10.44 -13.14 11.17
N ALA A 220 11.01 -12.62 12.25
CA ALA A 220 11.05 -13.27 13.54
C ALA A 220 10.86 -12.23 14.64
N ILE A 221 10.07 -12.53 15.67
CA ILE A 221 10.15 -11.80 16.92
C ILE A 221 11.50 -12.10 17.53
N ILE A 222 12.22 -11.12 18.06
CA ILE A 222 13.24 -11.37 19.08
C ILE A 222 12.57 -11.14 20.42
N PHE A 223 12.76 -12.05 21.36
CA PHE A 223 12.24 -11.96 22.71
C PHE A 223 13.41 -12.03 23.69
N CYS A 224 13.35 -11.29 24.79
CA CYS A 224 14.38 -11.27 25.82
C CYS A 224 13.79 -11.63 27.19
N VAL A 225 14.52 -12.42 27.96
CA VAL A 225 14.24 -12.69 29.38
C VAL A 225 15.55 -12.65 30.13
N ALA A 226 15.64 -11.86 31.21
CA ALA A 226 16.80 -11.96 32.07
C ALA A 226 16.64 -13.19 32.97
N LEU A 227 17.54 -14.17 32.87
CA LEU A 227 17.47 -15.38 33.68
C LEU A 227 17.43 -15.10 35.18
N SER A 228 18.09 -14.03 35.64
CA SER A 228 18.03 -13.49 37.01
C SER A 228 16.59 -13.23 37.54
N ASP A 229 15.59 -13.07 36.66
CA ASP A 229 14.20 -12.81 37.02
C ASP A 229 13.48 -13.97 37.76
N TYR A 230 14.09 -15.15 37.89
CA TYR A 230 13.45 -16.32 38.52
C TYR A 230 13.06 -16.09 39.99
N ASP A 231 13.81 -15.27 40.74
CA ASP A 231 13.56 -15.01 42.15
C ASP A 231 13.40 -13.51 42.48
N LEU A 232 13.44 -12.64 41.49
CA LEU A 232 12.90 -11.28 41.59
C LEU A 232 11.37 -11.33 41.45
N VAL A 233 10.67 -10.36 42.00
CA VAL A 233 9.20 -10.25 41.93
C VAL A 233 8.74 -8.93 41.32
N LEU A 234 7.60 -8.95 40.66
CA LEU A 234 7.09 -7.86 39.83
C LEU A 234 6.75 -6.63 40.68
N ALA A 235 7.36 -5.48 40.37
CA ALA A 235 7.32 -4.30 41.23
C ALA A 235 5.91 -3.75 41.51
N GLU A 236 4.94 -3.93 40.59
CA GLU A 236 3.58 -3.38 40.77
C GLU A 236 2.74 -4.09 41.86
N ASP A 237 3.12 -5.30 42.30
CA ASP A 237 2.39 -6.02 43.38
C ASP A 237 3.28 -6.87 44.31
N GLU A 238 4.53 -7.12 43.94
CA GLU A 238 5.52 -8.00 44.58
C GLU A 238 5.03 -9.44 44.91
N GLU A 239 3.98 -9.92 44.25
CA GLU A 239 3.46 -11.29 44.39
C GLU A 239 4.09 -12.27 43.40
N MET A 240 4.09 -11.94 42.10
CA MET A 240 4.49 -12.86 41.03
C MET A 240 5.95 -12.65 40.63
N ASN A 241 6.67 -13.74 40.41
CA ASN A 241 8.08 -13.69 40.00
C ASN A 241 8.20 -12.96 38.65
N ARG A 242 9.25 -12.16 38.44
CA ARG A 242 9.48 -11.50 37.14
C ARG A 242 9.63 -12.52 36.01
N MET A 243 10.12 -13.72 36.32
CA MET A 243 10.12 -14.84 35.38
C MET A 243 8.71 -15.23 34.94
N HIS A 244 7.77 -15.44 35.86
CA HIS A 244 6.37 -15.74 35.53
C HIS A 244 5.70 -14.60 34.76
N ALA A 245 6.01 -13.35 35.09
CA ALA A 245 5.54 -12.22 34.29
C ALA A 245 6.07 -12.28 32.84
N SER A 246 7.33 -12.64 32.64
CA SER A 246 7.88 -12.83 31.30
C SER A 246 7.32 -14.07 30.58
N MET A 247 6.97 -15.15 31.27
CA MET A 247 6.22 -16.27 30.69
C MET A 247 4.82 -15.85 30.26
N LYS A 248 4.12 -15.02 31.04
CA LYS A 248 2.82 -14.49 30.64
C LYS A 248 2.94 -13.68 29.35
N LEU A 249 3.97 -12.85 29.22
CA LEU A 249 4.25 -12.10 27.99
C LEU A 249 4.64 -13.02 26.82
N PHE A 250 5.49 -14.03 27.04
CA PHE A 250 5.90 -14.94 25.98
C PHE A 250 4.73 -15.75 25.45
N ASP A 251 3.93 -16.36 26.31
CA ASP A 251 2.68 -17.02 25.93
C ASP A 251 1.75 -16.05 25.18
N SER A 252 1.60 -14.83 25.70
CA SER A 252 0.74 -13.80 25.11
C SER A 252 1.15 -13.43 23.68
N ILE A 253 2.44 -13.23 23.38
CA ILE A 253 2.89 -12.94 22.01
C ILE A 253 2.98 -14.21 21.16
N CYS A 254 3.39 -15.33 21.73
CA CYS A 254 3.66 -16.55 20.99
C CYS A 254 2.41 -17.15 20.36
N ASN A 255 1.36 -17.31 21.16
CA ASN A 255 0.13 -17.98 20.76
C ASN A 255 -0.91 -17.02 20.16
N ASN A 256 -0.52 -15.78 19.88
CA ASN A 256 -1.35 -14.76 19.27
C ASN A 256 -1.51 -14.98 17.75
N LYS A 257 -2.71 -14.71 17.23
CA LYS A 257 -3.10 -14.95 15.84
C LYS A 257 -2.24 -14.26 14.78
N TRP A 258 -1.64 -13.10 15.04
CA TRP A 258 -0.81 -12.40 14.08
C TRP A 258 0.56 -13.06 13.91
N PHE A 259 1.05 -13.75 14.95
CA PHE A 259 2.38 -14.36 14.98
C PHE A 259 2.36 -15.87 14.77
N THR A 260 1.27 -16.43 14.24
CA THR A 260 1.09 -17.87 14.13
C THR A 260 2.16 -18.57 13.29
N ASP A 261 2.64 -17.94 12.22
CA ASP A 261 3.78 -18.44 11.43
C ASP A 261 5.11 -17.79 11.83
N THR A 262 5.09 -16.71 12.63
CA THR A 262 6.28 -15.93 12.97
C THR A 262 7.10 -16.64 14.03
N SER A 263 8.29 -17.07 13.67
CA SER A 263 9.25 -17.64 14.62
C SER A 263 9.60 -16.65 15.73
N ILE A 264 9.98 -17.15 16.91
CA ILE A 264 10.55 -16.33 17.97
C ILE A 264 12.00 -16.73 18.14
N ILE A 265 12.94 -15.80 17.97
CA ILE A 265 14.25 -15.91 18.59
C ILE A 265 14.05 -15.59 20.07
N LEU A 266 14.57 -16.41 20.98
CA LEU A 266 14.44 -16.17 22.41
C LEU A 266 15.83 -16.04 23.00
N PHE A 267 16.29 -14.82 23.22
CA PHE A 267 17.45 -14.62 24.05
C PHE A 267 17.08 -14.84 25.51
N LEU A 268 17.95 -15.55 26.21
CA LEU A 268 17.96 -15.61 27.65
C LEU A 268 19.21 -14.81 28.07
N ASN A 269 19.00 -13.65 28.69
CA ASN A 269 19.95 -12.52 28.65
C ASN A 269 21.03 -12.57 29.73
N LYS A 270 20.67 -12.38 31.01
CA LYS A 270 21.62 -12.25 32.14
C LYS A 270 22.13 -13.61 32.62
N LYS A 271 22.81 -14.32 31.73
CA LYS A 271 23.40 -15.66 31.90
C LYS A 271 24.32 -15.72 33.12
N ASP A 272 25.31 -14.82 33.17
CA ASP A 272 26.33 -14.79 34.21
C ASP A 272 25.74 -14.57 35.61
N LEU A 273 24.84 -13.59 35.75
CA LEU A 273 24.21 -13.28 37.03
C LEU A 273 23.29 -14.41 37.50
N PHE A 274 22.63 -15.14 36.60
CA PHE A 274 21.87 -16.34 36.97
C PHE A 274 22.77 -17.49 37.43
N GLU A 275 23.86 -17.77 36.70
CA GLU A 275 24.85 -18.78 37.08
C GLU A 275 25.45 -18.51 38.46
N GLU A 276 25.74 -17.26 38.80
CA GLU A 276 26.12 -16.90 40.17
C GLU A 276 24.96 -17.08 41.16
N LYS A 277 23.79 -16.47 40.90
CA LYS A 277 22.72 -16.39 41.89
C LYS A 277 22.10 -17.74 42.24
N ILE A 278 22.05 -18.70 41.32
CA ILE A 278 21.44 -20.00 41.61
C ILE A 278 22.17 -20.80 42.70
N LYS A 279 23.46 -20.51 42.93
CA LYS A 279 24.24 -21.05 44.05
C LYS A 279 23.73 -20.54 45.41
N LYS A 280 23.23 -19.30 45.44
CA LYS A 280 22.67 -18.61 46.61
C LYS A 280 21.17 -18.85 46.79
N SER A 281 20.42 -19.05 45.71
CA SER A 281 18.96 -19.10 45.67
C SER A 281 18.47 -20.21 44.72
N PRO A 282 18.00 -21.36 45.22
CA PRO A 282 17.54 -22.49 44.40
C PRO A 282 16.33 -22.16 43.51
N LEU A 283 16.24 -22.80 42.34
CA LEU A 283 15.24 -22.48 41.31
C LEU A 283 13.79 -22.84 41.68
N THR A 284 13.59 -23.67 42.70
CA THR A 284 12.25 -23.98 43.25
C THR A 284 11.55 -22.75 43.84
N ILE A 285 12.26 -21.66 44.12
CA ILE A 285 11.66 -20.37 44.49
C ILE A 285 10.84 -19.75 43.34
N CYS A 286 11.11 -20.17 42.10
CA CYS A 286 10.30 -19.86 40.93
C CYS A 286 9.17 -20.88 40.73
N TYR A 287 9.51 -22.16 40.58
CA TYR A 287 8.55 -23.20 40.17
C TYR A 287 8.16 -24.15 41.31
N PRO A 288 6.85 -24.41 41.51
CA PRO A 288 6.38 -25.53 42.34
C PRO A 288 6.89 -26.89 41.83
N GLU A 289 6.99 -27.04 40.51
CA GLU A 289 7.48 -28.24 39.84
C GLU A 289 8.86 -27.97 39.20
N TYR A 290 9.87 -28.70 39.64
CA TYR A 290 11.20 -28.75 39.05
C TYR A 290 11.89 -30.07 39.46
N ALA A 291 12.91 -30.50 38.72
CA ALA A 291 13.72 -31.67 39.06
C ALA A 291 14.58 -31.49 40.34
N GLY A 292 14.76 -30.25 40.81
CA GLY A 292 15.56 -29.92 42.00
C GLY A 292 17.07 -30.04 41.79
N SER A 293 17.53 -30.15 40.54
CA SER A 293 18.93 -30.37 40.20
C SER A 293 19.84 -29.18 40.58
N ASN A 294 19.40 -27.94 40.31
CA ASN A 294 20.04 -26.67 40.72
C ASN A 294 21.50 -26.45 40.25
N THR A 295 22.07 -27.32 39.43
CA THR A 295 23.27 -27.00 38.65
C THR A 295 22.91 -26.05 37.52
N TYR A 296 23.77 -25.08 37.21
CA TYR A 296 23.55 -24.06 36.18
C TYR A 296 23.03 -24.61 34.85
N GLU A 297 23.65 -25.67 34.30
CA GLU A 297 23.27 -26.22 33.00
C GLU A 297 21.84 -26.77 32.98
N GLU A 298 21.48 -27.60 33.95
CA GLU A 298 20.14 -28.21 33.98
C GLU A 298 19.07 -27.22 34.45
N ALA A 299 19.44 -26.22 35.25
CA ALA A 299 18.56 -25.10 35.57
C ALA A 299 18.29 -24.23 34.34
N ALA A 300 19.32 -23.78 33.62
CA ALA A 300 19.18 -22.97 32.42
C ALA A 300 18.40 -23.71 31.33
N ALA A 301 18.71 -24.99 31.09
CA ALA A 301 17.96 -25.83 30.17
C ALA A 301 16.52 -26.07 30.63
N TYR A 302 16.23 -26.07 31.95
CA TYR A 302 14.86 -26.11 32.43
C TYR A 302 14.12 -24.79 32.17
N ILE A 303 14.77 -23.63 32.29
CA ILE A 303 14.15 -22.36 31.86
C ILE A 303 13.78 -22.45 30.38
N GLN A 304 14.74 -22.79 29.51
CA GLN A 304 14.46 -22.95 28.08
C GLN A 304 13.30 -23.92 27.83
N CYS A 305 13.30 -25.09 28.48
CA CYS A 305 12.23 -26.06 28.35
C CYS A 305 10.88 -25.47 28.78
N GLN A 306 10.82 -24.78 29.92
CA GLN A 306 9.61 -24.14 30.41
C GLN A 306 9.06 -23.09 29.43
N PHE A 307 9.92 -22.32 28.75
CA PHE A 307 9.46 -21.38 27.72
C PHE A 307 9.05 -22.08 26.43
N GLU A 308 9.85 -22.98 25.88
CA GLU A 308 9.49 -23.65 24.63
C GLU A 308 8.23 -24.53 24.77
N ASP A 309 7.91 -25.02 25.97
CA ASP A 309 6.63 -25.65 26.28
C ASP A 309 5.42 -24.70 26.18
N LEU A 310 5.61 -23.38 26.19
CA LEU A 310 4.51 -22.42 26.00
C LEU A 310 4.05 -22.35 24.55
N ASN A 311 4.88 -22.75 23.59
CA ASN A 311 4.55 -22.72 22.17
C ASN A 311 3.45 -23.75 21.85
N LYS A 312 2.22 -23.29 21.60
CA LYS A 312 1.08 -24.16 21.28
C LYS A 312 1.04 -24.66 19.83
N ARG A 313 2.01 -24.28 18.99
CA ARG A 313 2.01 -24.51 17.54
C ARG A 313 3.42 -24.76 16.97
N LYS A 314 4.11 -25.74 17.55
CA LYS A 314 5.52 -26.10 17.29
C LYS A 314 5.80 -26.55 15.84
N ASP A 315 4.76 -26.85 15.08
CA ASP A 315 4.82 -27.15 13.65
C ASP A 315 4.81 -25.87 12.79
N THR A 316 4.01 -24.86 13.11
CA THR A 316 3.96 -23.60 12.34
C THR A 316 5.07 -22.63 12.72
N LYS A 317 5.55 -22.65 13.97
CA LYS A 317 6.64 -21.78 14.43
C LYS A 317 7.65 -22.49 15.32
N GLU A 318 8.92 -22.27 15.07
CA GLU A 318 10.02 -22.79 15.89
C GLU A 318 10.58 -21.67 16.77
N ILE A 319 10.82 -21.96 18.04
CA ILE A 319 11.49 -21.05 18.97
C ILE A 319 12.99 -21.27 18.89
N TYR A 320 13.78 -20.24 18.66
CA TYR A 320 15.22 -20.32 18.55
C TYR A 320 15.82 -19.77 19.84
N THR A 321 15.92 -20.59 20.89
CA THR A 321 16.46 -20.10 22.17
C THR A 321 17.98 -19.97 22.10
N HIS A 322 18.53 -18.89 22.67
CA HIS A 322 19.99 -18.66 22.78
C HIS A 322 20.35 -18.11 24.15
N PHE A 323 21.45 -18.58 24.74
CA PHE A 323 21.97 -18.08 26.01
C PHE A 323 23.00 -16.98 25.74
N THR A 324 22.60 -15.74 26.01
CA THR A 324 23.28 -14.52 25.55
C THR A 324 24.67 -14.39 26.15
N CYS A 325 25.64 -13.93 25.36
CA CYS A 325 27.07 -13.93 25.73
C CYS A 325 27.77 -12.59 25.42
N SER A 326 28.93 -12.36 26.01
CA SER A 326 29.61 -11.06 26.04
C SER A 326 30.10 -10.55 24.68
N THR A 327 30.39 -11.45 23.73
CA THR A 327 30.90 -11.05 22.40
C THR A 327 29.74 -10.65 21.47
N ASP A 328 29.72 -9.39 21.03
CA ASP A 328 28.62 -8.83 20.22
C ASP A 328 28.27 -9.71 19.01
N THR A 329 29.28 -10.10 18.24
CA THR A 329 29.10 -10.88 17.01
C THR A 329 28.51 -12.26 17.26
N LYS A 330 28.65 -12.85 18.45
CA LYS A 330 27.99 -14.12 18.80
C LYS A 330 26.48 -13.95 18.95
N ASN A 331 26.04 -12.85 19.58
CA ASN A 331 24.61 -12.55 19.67
C ASN A 331 24.05 -12.15 18.29
N VAL A 332 24.78 -11.36 17.50
CA VAL A 332 24.32 -10.98 16.15
C VAL A 332 24.27 -12.18 15.22
N GLN A 333 25.31 -13.03 15.21
CA GLN A 333 25.35 -14.23 14.36
C GLN A 333 24.16 -15.13 14.64
N PHE A 334 23.71 -15.25 15.90
CA PHE A 334 22.53 -16.04 16.19
C PHE A 334 21.26 -15.45 15.56
N VAL A 335 21.10 -14.13 15.55
CA VAL A 335 19.98 -13.51 14.84
C VAL A 335 20.09 -13.78 13.35
N PHE A 336 21.27 -13.63 12.74
CA PHE A 336 21.48 -13.92 11.32
C PHE A 336 21.20 -15.38 10.96
N ASP A 337 21.67 -16.34 11.77
CA ASP A 337 21.39 -17.75 11.61
C ASP A 337 19.90 -18.04 11.70
N ALA A 338 19.24 -17.64 12.79
CA ALA A 338 17.84 -17.92 12.98
C ALA A 338 16.97 -17.23 11.93
N VAL A 339 17.31 -16.02 11.50
CA VAL A 339 16.65 -15.35 10.38
C VAL A 339 16.85 -16.12 9.08
N THR A 340 18.08 -16.51 8.74
CA THR A 340 18.35 -17.25 7.51
C THR A 340 17.62 -18.58 7.51
N ASP A 341 17.59 -19.29 8.63
CA ASP A 341 16.87 -20.53 8.78
C ASP A 341 15.34 -20.36 8.73
N VAL A 342 14.80 -19.30 9.33
CA VAL A 342 13.38 -18.96 9.20
C VAL A 342 13.03 -18.65 7.75
N ILE A 343 13.84 -17.86 7.05
CA ILE A 343 13.59 -17.51 5.65
C ILE A 343 13.69 -18.74 4.76
N ILE A 344 14.67 -19.64 4.95
CA ILE A 344 14.72 -20.91 4.23
C ILE A 344 13.49 -21.75 4.52
N LYS A 345 13.08 -21.95 5.78
CA LYS A 345 11.86 -22.69 6.10
C LYS A 345 10.59 -22.05 5.51
N ASN A 346 10.55 -20.73 5.37
CA ASN A 346 9.45 -20.03 4.67
C ASN A 346 9.50 -20.30 3.16
N ASN A 347 10.68 -20.24 2.53
CA ASN A 347 10.86 -20.57 1.13
C ASN A 347 10.51 -22.04 0.81
N LEU A 348 10.96 -22.99 1.62
CA LEU A 348 10.62 -24.40 1.44
C LEU A 348 9.11 -24.65 1.56
N LYS A 349 8.42 -23.90 2.42
CA LYS A 349 6.96 -23.91 2.54
C LYS A 349 6.26 -23.29 1.34
N ASP A 350 6.88 -22.35 0.63
CA ASP A 350 6.40 -21.86 -0.67
C ASP A 350 6.61 -22.89 -1.79
N CYS A 351 7.79 -23.50 -1.86
CA CYS A 351 8.16 -24.44 -2.91
C CYS A 351 7.35 -25.74 -2.93
N GLY A 352 6.72 -26.11 -1.82
CA GLY A 352 6.15 -27.44 -1.63
C GLY A 352 7.17 -28.52 -1.28
N LEU A 353 8.45 -28.17 -1.06
CA LEU A 353 9.39 -29.10 -0.43
C LEU A 353 9.01 -29.39 1.03
N PHE A 354 8.30 -28.48 1.69
CA PHE A 354 7.52 -28.73 2.91
C PHE A 354 6.01 -28.78 2.60
N SER B 7 -12.76 5.07 55.08
CA SER B 7 -14.14 5.55 54.92
C SER B 7 -14.36 6.22 53.56
N GLU B 8 -13.78 7.40 53.30
CA GLU B 8 -14.16 8.27 52.17
C GLU B 8 -14.12 7.61 50.79
N LEU B 9 -13.12 6.77 50.47
CA LEU B 9 -13.05 6.13 49.16
C LEU B 9 -14.26 5.23 48.87
N ASP B 10 -14.75 4.50 49.87
CA ASP B 10 -15.94 3.67 49.74
C ASP B 10 -17.21 4.54 49.60
N GLN B 11 -17.29 5.66 50.33
CA GLN B 11 -18.38 6.63 50.15
C GLN B 11 -18.38 7.21 48.73
N LEU B 12 -17.24 7.63 48.20
CA LEU B 12 -17.12 8.13 46.83
C LEU B 12 -17.42 7.04 45.80
N ARG B 13 -17.01 5.79 46.03
CA ARG B 13 -17.37 4.66 45.15
C ARG B 13 -18.87 4.40 45.16
N GLN B 14 -19.53 4.49 46.32
CA GLN B 14 -20.98 4.42 46.40
C GLN B 14 -21.66 5.62 45.72
N GLU B 15 -21.09 6.83 45.78
CA GLU B 15 -21.61 7.97 45.02
C GLU B 15 -21.39 7.84 43.51
N ALA B 16 -20.28 7.23 43.06
CA ALA B 16 -20.08 6.89 41.66
C ALA B 16 -21.12 5.86 41.18
N GLU B 17 -21.33 4.78 41.94
CA GLU B 17 -22.40 3.81 41.69
C GLU B 17 -23.79 4.49 41.67
N GLN B 18 -24.08 5.35 42.62
CA GLN B 18 -25.34 6.10 42.69
C GLN B 18 -25.54 6.98 41.46
N LEU B 19 -24.53 7.75 41.04
CA LEU B 19 -24.63 8.60 39.85
C LEU B 19 -24.71 7.79 38.56
N LYS B 20 -23.96 6.69 38.42
CA LYS B 20 -24.12 5.74 37.30
C LYS B 20 -25.55 5.20 37.23
N ASN B 21 -26.10 4.81 38.38
CA ASN B 21 -27.49 4.35 38.46
C ASN B 21 -28.49 5.47 38.13
N GLN B 22 -28.24 6.70 38.58
CA GLN B 22 -29.08 7.86 38.30
C GLN B 22 -29.09 8.21 36.81
N ILE B 23 -27.92 8.24 36.13
CA ILE B 23 -27.90 8.53 34.69
C ILE B 23 -28.51 7.39 33.87
N ARG B 24 -28.34 6.10 34.21
CA ARG B 24 -29.02 5.03 33.47
C ARG B 24 -30.54 5.09 33.64
N ASP B 25 -31.04 5.43 34.83
CA ASP B 25 -32.47 5.68 35.05
C ASP B 25 -32.95 6.91 34.28
N ALA B 26 -32.20 8.01 34.26
CA ALA B 26 -32.55 9.20 33.49
C ALA B 26 -32.58 8.93 31.97
N ARG B 27 -31.62 8.17 31.46
CA ARG B 27 -31.58 7.70 30.06
C ARG B 27 -32.79 6.82 29.75
N LYS B 28 -33.08 5.81 30.58
CA LYS B 28 -34.27 4.96 30.42
C LYS B 28 -35.59 5.72 30.58
N ALA B 29 -35.63 6.82 31.34
CA ALA B 29 -36.81 7.67 31.45
C ALA B 29 -37.10 8.44 30.15
N CYS B 30 -36.09 9.07 29.55
CA CYS B 30 -36.25 9.76 28.26
C CYS B 30 -36.33 8.81 27.04
N ALA B 31 -35.98 7.53 27.18
CA ALA B 31 -36.17 6.50 26.16
C ALA B 31 -37.65 6.07 25.98
N ASP B 32 -38.50 6.98 25.50
CA ASP B 32 -39.93 6.75 25.27
C ASP B 32 -40.27 5.92 24.01
N ALA B 33 -39.30 5.65 23.15
CA ALA B 33 -39.42 4.86 21.93
C ALA B 33 -38.05 4.27 21.51
N THR B 34 -37.97 3.64 20.34
CA THR B 34 -36.71 3.28 19.67
C THR B 34 -36.69 3.85 18.25
N LEU B 35 -35.51 4.11 17.67
CA LEU B 35 -35.46 4.60 16.29
C LEU B 35 -36.07 3.57 15.31
N SER B 36 -36.01 2.26 15.61
CA SER B 36 -36.71 1.22 14.84
C SER B 36 -38.23 1.41 14.82
N GLN B 37 -38.85 1.82 15.94
CA GLN B 37 -40.29 2.14 15.98
C GLN B 37 -40.58 3.41 15.19
N ILE B 38 -39.81 4.47 15.42
CA ILE B 38 -40.00 5.78 14.77
C ILE B 38 -39.87 5.66 13.23
N THR B 39 -39.04 4.76 12.74
CA THR B 39 -38.82 4.51 11.31
C THR B 39 -39.68 3.39 10.70
N ASN B 40 -40.67 2.83 11.41
CA ASN B 40 -41.52 1.76 10.88
C ASN B 40 -42.21 2.13 9.55
N ASN B 41 -42.56 3.41 9.37
CA ASN B 41 -43.26 3.91 8.18
C ASN B 41 -42.34 4.23 6.98
N ILE B 42 -41.03 4.39 7.14
CA ILE B 42 -40.19 4.92 6.05
C ILE B 42 -39.91 3.89 4.95
N ASP B 43 -39.70 4.37 3.72
CA ASP B 43 -39.32 3.56 2.56
C ASP B 43 -37.88 3.01 2.74
N PRO B 44 -37.65 1.69 2.72
CA PRO B 44 -36.31 1.13 2.86
C PRO B 44 -35.39 1.51 1.70
N VAL B 45 -34.08 1.48 1.95
CA VAL B 45 -33.07 1.86 0.95
C VAL B 45 -33.04 0.93 -0.27
N GLY B 46 -33.35 -0.35 -0.10
CA GLY B 46 -33.12 -1.37 -1.14
C GLY B 46 -31.64 -1.73 -1.30
N ARG B 47 -31.28 -2.49 -2.33
CA ARG B 47 -29.88 -2.91 -2.55
C ARG B 47 -29.03 -1.73 -3.02
N ILE B 48 -27.98 -1.42 -2.27
CA ILE B 48 -26.95 -0.45 -2.62
C ILE B 48 -25.82 -1.17 -3.35
N GLN B 49 -26.03 -1.45 -4.63
CA GLN B 49 -25.00 -2.03 -5.51
C GLN B 49 -24.03 -0.94 -5.95
N MET B 50 -23.08 -0.57 -5.09
CA MET B 50 -21.93 0.23 -5.51
C MET B 50 -20.88 -0.63 -6.22
N ARG B 51 -20.09 -0.04 -7.11
CA ARG B 51 -19.04 -0.71 -7.89
C ARG B 51 -17.74 0.08 -7.84
N THR B 52 -16.61 -0.60 -7.88
CA THR B 52 -15.27 -0.01 -7.81
C THR B 52 -14.99 0.81 -9.07
N ARG B 53 -15.11 2.14 -8.99
CA ARG B 53 -14.82 3.04 -10.10
C ARG B 53 -13.34 3.34 -10.27
N ARG B 54 -12.52 3.25 -9.23
CA ARG B 54 -11.05 3.28 -9.31
C ARG B 54 -10.48 2.31 -8.31
N THR B 55 -9.30 1.79 -8.60
CA THR B 55 -8.43 1.13 -7.63
C THR B 55 -7.12 1.90 -7.61
N LEU B 56 -6.75 2.45 -6.47
CA LEU B 56 -5.53 3.20 -6.29
C LEU B 56 -4.45 2.24 -5.79
N ARG B 57 -3.46 1.90 -6.63
CA ARG B 57 -2.65 0.67 -6.45
C ARG B 57 -1.15 0.87 -6.38
N GLY B 58 -0.73 1.84 -5.56
CA GLY B 58 0.67 2.25 -5.40
C GLY B 58 1.29 1.99 -4.04
N HIS B 59 0.50 1.82 -2.97
CA HIS B 59 1.03 1.41 -1.67
C HIS B 59 1.52 -0.05 -1.72
N LEU B 60 2.63 -0.33 -1.02
CA LEU B 60 3.29 -1.64 -1.07
C LEU B 60 3.17 -2.43 0.24
N ALA B 61 2.37 -1.95 1.19
CA ALA B 61 2.09 -2.59 2.46
C ALA B 61 0.70 -2.19 2.97
N LYS B 62 0.26 -2.71 4.12
CA LYS B 62 -1.07 -2.45 4.70
C LYS B 62 -1.41 -0.97 4.75
N ILE B 63 -2.55 -0.55 4.20
CA ILE B 63 -3.08 0.80 4.40
C ILE B 63 -3.78 0.88 5.74
N TYR B 64 -3.47 1.86 6.57
CA TYR B 64 -4.06 1.99 7.91
C TYR B 64 -5.07 3.09 8.06
N ALA B 65 -4.92 4.18 7.32
CA ALA B 65 -5.87 5.27 7.32
C ALA B 65 -5.91 5.96 5.96
N MET B 66 -7.03 6.58 5.66
CA MET B 66 -7.18 7.51 4.54
C MET B 66 -8.17 8.60 4.92
N HIS B 67 -8.05 9.78 4.30
CA HIS B 67 -8.96 10.89 4.52
C HIS B 67 -9.19 11.66 3.22
N TRP B 68 -10.40 12.11 2.94
CA TRP B 68 -10.70 12.99 1.82
C TRP B 68 -10.32 14.44 2.09
N GLY B 69 -9.93 15.19 1.07
CA GLY B 69 -9.95 16.65 1.13
C GLY B 69 -11.39 17.19 1.10
N THR B 70 -11.61 18.42 1.56
CA THR B 70 -12.92 19.09 1.44
C THR B 70 -13.35 19.23 -0.02
N ASP B 71 -12.39 19.39 -0.93
CA ASP B 71 -12.59 19.40 -2.37
C ASP B 71 -13.20 18.09 -2.90
N SER B 72 -13.21 17.01 -2.09
CA SER B 72 -13.84 15.73 -2.42
C SER B 72 -13.31 15.05 -3.68
N ARG B 73 -12.12 15.44 -4.13
CA ARG B 73 -11.40 14.86 -5.27
C ARG B 73 -10.07 14.31 -4.83
N LEU B 74 -9.31 15.01 -4.01
CA LEU B 74 -8.07 14.48 -3.45
C LEU B 74 -8.37 13.67 -2.20
N LEU B 75 -7.61 12.61 -1.99
CA LEU B 75 -7.61 11.87 -0.74
C LEU B 75 -6.19 11.53 -0.36
N VAL B 76 -5.87 11.64 0.92
CA VAL B 76 -4.64 11.14 1.47
C VAL B 76 -4.84 9.69 1.90
N SER B 77 -3.82 8.86 1.82
CA SER B 77 -3.80 7.57 2.48
C SER B 77 -2.41 7.27 2.97
N ALA B 78 -2.32 6.48 4.03
CA ALA B 78 -1.06 6.13 4.64
C ALA B 78 -0.96 4.64 4.83
N SER B 79 0.26 4.14 4.81
CA SER B 79 0.51 2.71 4.93
C SER B 79 1.75 2.44 5.75
N GLN B 80 1.84 1.19 6.18
CA GLN B 80 3.02 0.61 6.79
C GLN B 80 4.28 0.72 5.92
N ASP B 81 4.18 1.06 4.64
CA ASP B 81 5.33 1.33 3.77
C ASP B 81 6.16 2.54 4.24
N GLY B 82 5.67 3.32 5.20
CA GLY B 82 6.29 4.57 5.61
C GLY B 82 6.17 5.63 4.52
N LYS B 83 5.14 5.49 3.69
CA LYS B 83 4.73 6.43 2.65
C LYS B 83 3.29 6.80 2.90
N LEU B 84 3.04 8.08 2.83
CA LEU B 84 1.72 8.66 2.78
C LEU B 84 1.54 9.25 1.39
N ILE B 85 0.44 8.96 0.71
CA ILE B 85 0.20 9.35 -0.69
C ILE B 85 -1.03 10.22 -0.74
N ILE B 86 -0.99 11.34 -1.47
CA ILE B 86 -2.20 12.07 -1.85
C ILE B 86 -2.52 11.67 -3.27
N TRP B 87 -3.75 11.27 -3.49
CA TRP B 87 -4.25 10.72 -4.72
C TRP B 87 -5.27 11.65 -5.32
N ASP B 88 -5.22 11.85 -6.63
CA ASP B 88 -6.35 12.36 -7.36
C ASP B 88 -7.35 11.22 -7.57
N SER B 89 -8.42 11.19 -6.80
CA SER B 89 -9.38 10.08 -6.89
C SER B 89 -10.12 10.07 -8.22
N TYR B 90 -10.21 11.19 -8.94
CA TYR B 90 -10.91 11.20 -10.22
C TYR B 90 -10.10 10.47 -11.29
N THR B 91 -8.77 10.49 -11.23
CA THR B 91 -7.92 10.01 -12.31
C THR B 91 -6.77 9.12 -11.87
N THR B 92 -6.75 8.67 -10.61
CA THR B 92 -5.77 7.73 -10.04
C THR B 92 -4.34 8.27 -9.93
N ASN B 93 -4.11 9.55 -10.19
CA ASN B 93 -2.77 10.12 -10.12
C ASN B 93 -2.28 10.19 -8.68
N LYS B 94 -1.02 9.86 -8.41
CA LYS B 94 -0.36 10.26 -7.18
C LYS B 94 -0.03 11.74 -7.29
N VAL B 95 -0.75 12.59 -6.59
CA VAL B 95 -0.50 14.04 -6.51
C VAL B 95 0.79 14.30 -5.75
N HIS B 96 1.00 13.61 -4.63
CA HIS B 96 2.23 13.63 -3.84
C HIS B 96 2.44 12.26 -3.23
N ALA B 97 3.68 11.88 -2.96
CA ALA B 97 4.01 10.80 -2.03
C ALA B 97 5.07 11.31 -1.06
N ILE B 98 4.84 11.07 0.21
CA ILE B 98 5.53 11.70 1.34
C ILE B 98 6.27 10.61 2.09
N PRO B 99 7.61 10.64 2.16
CA PRO B 99 8.36 9.71 2.99
C PRO B 99 8.19 10.11 4.46
N LEU B 100 7.54 9.27 5.24
CA LEU B 100 7.41 9.48 6.67
C LEU B 100 8.71 9.15 7.41
N ARG B 101 8.94 9.76 8.58
CA ARG B 101 10.10 9.44 9.42
C ARG B 101 9.99 8.04 10.03
N SER B 102 8.75 7.51 10.05
CA SER B 102 8.48 6.19 10.60
C SER B 102 7.47 5.38 9.78
N SER B 103 7.68 4.08 9.69
CA SER B 103 6.77 3.17 8.99
C SER B 103 5.38 3.07 9.65
N TRP B 104 5.25 3.40 10.93
CA TRP B 104 4.23 2.81 11.79
C TRP B 104 2.91 3.56 11.86
N VAL B 105 2.34 3.90 10.71
CA VAL B 105 1.33 4.95 10.60
C VAL B 105 -0.05 4.43 10.99
N MET B 106 -0.41 4.52 12.25
CA MET B 106 -1.74 4.14 12.72
C MET B 106 -2.87 5.02 12.15
N THR B 107 -2.58 6.26 11.73
CA THR B 107 -3.59 7.27 11.34
C THR B 107 -3.05 8.31 10.37
N CYS B 108 -3.92 8.92 9.57
CA CYS B 108 -3.67 10.15 8.83
C CYS B 108 -4.95 10.99 8.73
N ALA B 109 -4.79 12.29 8.48
CA ALA B 109 -5.85 13.25 8.25
C ALA B 109 -5.40 14.33 7.27
N TYR B 110 -6.36 15.01 6.67
CA TYR B 110 -6.11 16.04 5.66
C TYR B 110 -6.97 17.27 5.89
N ALA B 111 -6.35 18.45 5.91
CA ALA B 111 -6.94 19.65 6.48
C ALA B 111 -8.19 20.12 5.74
N PRO B 112 -9.13 20.82 6.40
CA PRO B 112 -10.30 21.38 5.73
C PRO B 112 -10.00 22.37 4.59
N SER B 113 -8.78 22.87 4.48
CA SER B 113 -8.40 23.73 3.35
C SER B 113 -7.48 23.03 2.36
N GLY B 114 -7.15 21.77 2.62
CA GLY B 114 -6.19 21.03 1.80
C GLY B 114 -4.74 21.49 1.90
N ASN B 115 -4.40 22.49 2.71
CA ASN B 115 -3.01 22.96 2.84
C ASN B 115 -2.09 21.95 3.53
N TYR B 116 -2.60 21.27 4.56
CA TYR B 116 -1.83 20.43 5.48
C TYR B 116 -2.37 19.03 5.53
N VAL B 117 -1.48 18.09 5.79
CA VAL B 117 -1.70 16.68 6.12
C VAL B 117 -1.12 16.36 7.47
N ALA B 118 -1.74 15.47 8.25
CA ALA B 118 -1.20 14.98 9.51
C ALA B 118 -1.14 13.47 9.47
N CYS B 119 -0.15 12.86 10.12
CA CYS B 119 -0.22 11.45 10.44
C CYS B 119 0.51 11.09 11.73
N GLY B 120 0.05 10.02 12.38
CA GLY B 120 0.54 9.57 13.66
C GLY B 120 1.34 8.27 13.56
N GLY B 121 1.32 7.49 14.63
CA GLY B 121 1.91 6.17 14.62
C GLY B 121 2.31 5.64 15.97
N LEU B 122 3.09 4.56 15.93
CA LEU B 122 3.68 3.92 17.10
C LEU B 122 4.88 4.69 17.65
N ASP B 123 5.48 5.61 16.89
CA ASP B 123 6.15 6.77 17.47
C ASP B 123 5.03 7.76 17.82
N ASN B 124 4.94 8.24 19.06
CA ASN B 124 3.72 8.93 19.51
C ASN B 124 3.52 10.33 18.90
N ILE B 125 4.43 10.77 18.06
CA ILE B 125 4.48 12.08 17.42
C ILE B 125 3.43 12.19 16.32
N CYS B 126 2.65 13.27 16.29
CA CYS B 126 1.83 13.60 15.13
C CYS B 126 2.64 14.51 14.19
N SER B 127 3.17 13.99 13.10
CA SER B 127 3.87 14.81 12.11
C SER B 127 2.85 15.50 11.22
N ILE B 128 3.00 16.81 11.03
CA ILE B 128 2.14 17.62 10.17
C ILE B 128 2.95 18.11 9.00
N TYR B 129 2.45 17.86 7.81
CA TYR B 129 3.09 18.08 6.53
C TYR B 129 2.41 19.21 5.78
N ASN B 130 3.19 20.18 5.31
CA ASN B 130 2.70 21.29 4.52
C ASN B 130 2.72 20.90 3.04
N LEU B 131 1.57 20.71 2.41
CA LEU B 131 1.50 20.28 1.01
C LEU B 131 1.80 21.41 0.02
N LYS B 132 1.37 22.62 0.36
CA LYS B 132 1.34 23.80 -0.51
C LYS B 132 2.47 24.77 -0.19
N THR B 133 3.67 24.24 -0.05
CA THR B 133 4.92 24.99 0.08
C THR B 133 5.28 25.75 -1.21
N ARG B 134 6.11 26.79 -1.09
CA ARG B 134 6.70 27.51 -2.22
C ARG B 134 7.78 26.69 -2.93
N GLU B 135 8.52 25.88 -2.19
CA GLU B 135 9.27 24.74 -2.73
C GLU B 135 8.30 23.65 -3.21
N GLY B 136 8.70 22.77 -4.13
CA GLY B 136 7.78 21.77 -4.71
C GLY B 136 7.68 20.45 -3.96
N ASN B 137 8.46 20.25 -2.90
CA ASN B 137 8.44 19.05 -2.06
C ASN B 137 7.64 19.31 -0.79
N VAL B 138 6.76 18.39 -0.42
CA VAL B 138 6.09 18.38 0.87
C VAL B 138 7.10 18.21 2.01
N ARG B 139 6.97 18.99 3.08
CA ARG B 139 7.85 18.90 4.26
C ARG B 139 7.08 19.12 5.55
N VAL B 140 7.67 18.69 6.66
CA VAL B 140 7.08 18.79 8.00
C VAL B 140 7.01 20.24 8.48
N SER B 141 5.85 20.69 8.92
CA SER B 141 5.68 21.90 9.72
C SER B 141 6.03 21.65 11.18
N ARG B 142 5.30 20.75 11.86
CA ARG B 142 5.51 20.39 13.26
C ARG B 142 5.56 18.87 13.44
N GLU B 143 6.28 18.44 14.46
CA GLU B 143 6.11 17.15 15.10
C GLU B 143 5.51 17.39 16.49
N LEU B 144 4.29 16.93 16.71
CA LEU B 144 3.55 17.15 17.96
C LEU B 144 3.81 15.99 18.94
N ALA B 145 4.85 16.11 19.76
CA ALA B 145 5.49 14.97 20.42
C ALA B 145 4.90 14.51 21.76
N GLY B 146 4.15 15.36 22.46
CA GLY B 146 3.77 15.17 23.88
C GLY B 146 2.82 14.00 24.25
N HIS B 147 2.39 13.14 23.33
CA HIS B 147 1.63 11.93 23.67
C HIS B 147 2.51 10.81 24.26
N THR B 148 1.96 10.09 25.23
CA THR B 148 2.62 9.03 26.00
C THR B 148 2.45 7.63 25.38
N GLY B 149 1.50 7.46 24.47
CA GLY B 149 1.25 6.21 23.73
C GLY B 149 0.94 6.49 22.26
N TYR B 150 0.90 5.45 21.44
CA TYR B 150 0.73 5.59 19.99
C TYR B 150 -0.45 6.47 19.60
N LEU B 151 -0.33 7.29 18.57
CA LEU B 151 -1.47 8.05 18.06
C LEU B 151 -2.43 7.15 17.30
N SER B 152 -3.69 7.07 17.73
CA SER B 152 -4.67 6.26 17.02
C SER B 152 -5.51 7.04 16.00
N CYS B 153 -5.67 8.35 16.20
CA CYS B 153 -6.47 9.17 15.30
C CYS B 153 -6.02 10.64 15.32
N CYS B 154 -6.33 11.38 14.26
CA CYS B 154 -6.02 12.79 14.04
C CYS B 154 -7.20 13.47 13.36
N ARG B 155 -7.58 14.69 13.71
CA ARG B 155 -8.52 15.50 12.91
C ARG B 155 -8.19 16.98 13.04
N PHE B 156 -7.94 17.69 11.94
CA PHE B 156 -7.78 19.14 11.97
C PHE B 156 -9.13 19.81 12.24
N LEU B 157 -9.20 20.72 13.20
CA LEU B 157 -10.31 21.65 13.30
C LEU B 157 -10.20 22.73 12.21
N ASP B 158 -8.98 23.23 12.01
CA ASP B 158 -8.57 24.18 10.98
C ASP B 158 -7.05 24.06 10.80
N ASP B 159 -6.46 24.76 9.84
CA ASP B 159 -5.03 24.67 9.51
C ASP B 159 -4.07 24.86 10.69
N ASN B 160 -4.51 25.46 11.80
CA ASN B 160 -3.68 25.71 12.97
C ASN B 160 -4.16 25.01 14.24
N GLN B 161 -5.24 24.22 14.22
CA GLN B 161 -5.61 23.38 15.34
C GLN B 161 -5.96 21.96 14.91
N ILE B 162 -5.35 20.98 15.56
CA ILE B 162 -5.60 19.55 15.36
C ILE B 162 -5.94 18.92 16.69
N VAL B 163 -6.89 18.00 16.72
CA VAL B 163 -7.14 17.12 17.86
C VAL B 163 -6.64 15.72 17.53
N THR B 164 -5.97 15.09 18.48
CA THR B 164 -5.38 13.76 18.35
C THR B 164 -5.82 12.86 19.48
N SER B 165 -5.83 11.55 19.29
CA SER B 165 -6.14 10.56 20.34
C SER B 165 -5.11 9.46 20.39
N SER B 166 -4.91 8.83 21.55
CA SER B 166 -3.75 7.97 21.74
C SER B 166 -3.92 6.74 22.61
N GLY B 167 -2.94 5.86 22.46
CA GLY B 167 -2.61 4.73 23.32
C GLY B 167 -2.39 5.08 24.79
N ASP B 168 -2.24 6.35 25.15
CA ASP B 168 -2.11 6.80 26.53
C ASP B 168 -3.44 7.12 27.21
N THR B 169 -4.58 6.71 26.63
CA THR B 169 -5.91 7.01 27.18
C THR B 169 -6.34 8.48 27.05
N THR B 170 -5.51 9.38 26.54
CA THR B 170 -5.86 10.79 26.33
C THR B 170 -6.20 11.13 24.88
N CYS B 171 -6.96 12.21 24.69
CA CYS B 171 -6.93 13.03 23.49
C CYS B 171 -6.23 14.35 23.81
N ALA B 172 -5.75 15.08 22.82
CA ALA B 172 -5.18 16.41 23.01
C ALA B 172 -5.53 17.34 21.86
N LEU B 173 -5.76 18.62 22.13
CA LEU B 173 -5.95 19.66 21.12
C LEU B 173 -4.69 20.51 21.06
N TRP B 174 -4.10 20.68 19.88
CA TRP B 174 -2.82 21.35 19.74
C TRP B 174 -2.95 22.67 19.02
N ASP B 175 -2.23 23.68 19.46
CA ASP B 175 -1.88 24.81 18.60
C ASP B 175 -0.74 24.36 17.69
N ILE B 176 -1.00 24.24 16.41
CA ILE B 176 0.02 23.80 15.45
C ILE B 176 1.09 24.90 15.26
N GLU B 177 0.83 26.17 15.57
CA GLU B 177 1.87 27.20 15.47
C GLU B 177 2.97 26.96 16.52
N THR B 178 2.63 26.94 17.81
CA THR B 178 3.59 26.73 18.89
C THR B 178 3.95 25.26 19.14
N GLY B 179 3.18 24.31 18.61
CA GLY B 179 3.51 22.88 18.64
C GLY B 179 3.24 22.19 19.97
N GLN B 180 2.19 22.60 20.70
CA GLN B 180 1.91 22.16 22.07
C GLN B 180 0.41 21.98 22.32
N GLN B 181 0.07 21.10 23.27
CA GLN B 181 -1.32 20.89 23.70
C GLN B 181 -1.88 22.18 24.33
N THR B 182 -3.17 22.40 24.18
CA THR B 182 -3.85 23.65 24.59
C THR B 182 -5.01 23.34 25.53
N THR B 183 -5.83 22.37 25.18
CA THR B 183 -6.62 21.55 26.09
C THR B 183 -6.16 20.11 25.92
N THR B 184 -6.25 19.32 26.99
CA THR B 184 -5.91 17.90 26.97
C THR B 184 -6.97 17.12 27.73
N PHE B 185 -7.40 16.00 27.16
CA PHE B 185 -8.65 15.33 27.53
C PHE B 185 -8.34 13.93 28.04
N THR B 186 -8.70 13.60 29.28
CA THR B 186 -8.11 12.42 29.96
C THR B 186 -9.14 11.39 30.45
N GLY B 187 -10.44 11.64 30.29
CA GLY B 187 -11.48 10.93 31.04
C GLY B 187 -11.71 9.44 30.75
N HIS B 188 -11.20 8.88 29.65
CA HIS B 188 -11.26 7.44 29.38
C HIS B 188 -10.47 6.62 30.42
N THR B 189 -10.63 5.30 30.41
CA THR B 189 -9.78 4.37 31.19
C THR B 189 -9.07 3.36 30.30
N GLY B 190 -9.69 2.92 29.20
CA GLY B 190 -9.03 2.21 28.11
C GLY B 190 -8.27 3.19 27.22
N ASP B 191 -7.35 2.73 26.41
CA ASP B 191 -6.69 3.64 25.46
C ASP B 191 -7.58 4.01 24.27
N VAL B 192 -7.33 5.16 23.65
CA VAL B 192 -8.32 5.81 22.78
C VAL B 192 -7.99 5.47 21.35
N MET B 193 -8.99 5.09 20.56
CA MET B 193 -8.81 4.48 19.24
C MET B 193 -9.31 5.31 18.07
N SER B 194 -10.30 6.17 18.27
CA SER B 194 -10.92 6.89 17.16
C SER B 194 -11.47 8.24 17.58
N LEU B 195 -11.43 9.24 16.70
CA LEU B 195 -12.03 10.56 16.83
C LEU B 195 -13.04 10.78 15.72
N SER B 196 -14.08 11.56 15.97
CA SER B 196 -14.74 12.31 14.92
C SER B 196 -15.08 13.71 15.40
N LEU B 197 -14.91 14.73 14.58
CA LEU B 197 -15.33 16.09 14.88
C LEU B 197 -16.81 16.25 14.57
N ALA B 198 -17.52 17.06 15.36
CA ALA B 198 -18.82 17.52 14.93
C ALA B 198 -18.68 18.35 13.64
N PRO B 199 -19.72 18.48 12.81
CA PRO B 199 -19.69 19.33 11.62
C PRO B 199 -19.34 20.80 11.90
N ASP B 200 -19.74 21.33 13.06
CA ASP B 200 -19.35 22.67 13.53
C ASP B 200 -17.90 22.75 14.07
N THR B 201 -17.23 21.60 14.25
CA THR B 201 -15.90 21.42 14.86
C THR B 201 -15.70 21.99 16.26
N ARG B 202 -16.77 22.39 16.98
CA ARG B 202 -16.68 22.79 18.39
C ARG B 202 -16.70 21.58 19.30
N LEU B 203 -17.50 20.58 19.00
CA LEU B 203 -17.51 19.29 19.71
C LEU B 203 -16.66 18.25 18.97
N PHE B 204 -16.25 17.21 19.67
CA PHE B 204 -15.78 15.97 19.07
C PHE B 204 -16.17 14.80 19.96
N VAL B 205 -16.08 13.59 19.44
CA VAL B 205 -16.39 12.38 20.19
C VAL B 205 -15.32 11.34 19.94
N SER B 206 -14.84 10.64 20.97
CA SER B 206 -13.79 9.65 20.82
C SER B 206 -14.11 8.33 21.49
N GLY B 207 -13.71 7.24 20.87
CA GLY B 207 -13.98 5.88 21.30
C GLY B 207 -12.71 5.23 21.81
N ALA B 208 -12.83 4.38 22.83
CA ALA B 208 -11.69 3.76 23.48
C ALA B 208 -11.93 2.28 23.77
N CYS B 209 -10.86 1.59 24.13
CA CYS B 209 -10.87 0.17 24.43
C CYS B 209 -11.61 -0.21 25.72
N ASP B 210 -12.11 0.76 26.47
CA ASP B 210 -13.09 0.56 27.55
C ASP B 210 -14.54 0.45 27.03
N ALA B 211 -14.75 0.53 25.71
CA ALA B 211 -16.05 0.63 25.05
C ALA B 211 -16.92 1.82 25.47
N SER B 212 -16.37 2.81 26.16
CA SER B 212 -17.01 4.10 26.28
C SER B 212 -16.65 4.96 25.07
N ALA B 213 -17.64 5.64 24.52
CA ALA B 213 -17.44 6.80 23.68
C ALA B 213 -17.69 8.03 24.54
N LYS B 214 -16.83 9.03 24.47
CA LYS B 214 -16.96 10.27 25.25
C LYS B 214 -17.00 11.45 24.31
N LEU B 215 -17.87 12.41 24.58
CA LEU B 215 -18.00 13.65 23.84
C LEU B 215 -17.34 14.78 24.60
N TRP B 216 -16.65 15.66 23.89
CA TRP B 216 -16.00 16.85 24.42
C TRP B 216 -16.46 18.13 23.73
N ASP B 217 -16.31 19.27 24.39
CA ASP B 217 -16.15 20.56 23.71
C ASP B 217 -14.68 20.92 23.74
N VAL B 218 -14.11 21.26 22.57
CA VAL B 218 -12.67 21.46 22.43
C VAL B 218 -12.13 22.62 23.25
N ARG B 219 -12.94 23.65 23.54
CA ARG B 219 -12.55 24.80 24.36
C ARG B 219 -12.84 24.59 25.83
N GLU B 220 -13.95 23.93 26.19
CA GLU B 220 -14.26 23.61 27.59
C GLU B 220 -13.25 22.64 28.21
N GLY B 221 -12.58 21.83 27.39
CA GLY B 221 -11.47 20.97 27.82
C GLY B 221 -11.89 19.72 28.58
N MET B 222 -13.19 19.44 28.65
CA MET B 222 -13.78 18.44 29.54
C MET B 222 -14.94 17.69 28.88
N CYS B 223 -15.11 16.44 29.26
CA CYS B 223 -16.12 15.56 28.67
C CYS B 223 -17.51 16.03 29.08
N ARG B 224 -18.41 16.26 28.12
CA ARG B 224 -19.82 16.50 28.44
C ARG B 224 -20.56 15.20 28.72
N GLN B 225 -20.42 14.20 27.85
CA GLN B 225 -21.24 12.99 27.87
C GLN B 225 -20.41 11.74 27.66
N THR B 226 -20.81 10.64 28.30
CA THR B 226 -20.25 9.30 28.14
C THR B 226 -21.32 8.33 27.69
N PHE B 227 -21.10 7.66 26.57
CA PHE B 227 -21.96 6.63 25.99
C PHE B 227 -21.27 5.29 26.13
N THR B 228 -21.97 4.23 26.53
CA THR B 228 -21.32 2.97 26.96
C THR B 228 -22.15 1.74 26.62
N GLY B 229 -22.92 1.79 25.54
CA GLY B 229 -23.76 0.66 25.10
C GLY B 229 -22.98 -0.54 24.56
N HIS B 230 -21.73 -0.34 24.12
CA HIS B 230 -20.91 -1.40 23.54
C HIS B 230 -20.47 -2.45 24.54
N GLU B 231 -20.35 -3.69 24.08
CA GLU B 231 -19.46 -4.68 24.69
C GLU B 231 -18.06 -4.55 24.09
N SER B 232 -17.07 -5.24 24.65
CA SER B 232 -15.70 -5.22 24.14
C SER B 232 -15.15 -3.79 24.01
N ASP B 233 -14.81 -3.34 22.80
CA ASP B 233 -13.78 -2.35 22.52
C ASP B 233 -14.08 -1.57 21.22
N ILE B 234 -14.12 -0.23 21.23
CA ILE B 234 -14.50 0.60 20.07
C ILE B 234 -13.28 0.94 19.20
N ASN B 235 -13.27 0.47 17.95
CA ASN B 235 -12.23 0.77 16.97
C ASN B 235 -12.47 2.03 16.14
N ALA B 236 -13.73 2.43 15.96
CA ALA B 236 -14.13 3.37 14.93
C ALA B 236 -15.26 4.30 15.36
N ILE B 237 -15.23 5.57 14.96
CA ILE B 237 -16.28 6.57 15.15
C ILE B 237 -16.50 7.44 13.91
N CYS B 238 -17.75 7.83 13.67
CA CYS B 238 -18.10 8.92 12.76
C CYS B 238 -19.29 9.72 13.31
N PHE B 239 -19.31 11.06 13.26
CA PHE B 239 -20.55 11.83 13.37
C PHE B 239 -21.51 11.64 12.22
N PHE B 240 -22.78 11.45 12.55
CA PHE B 240 -23.89 11.57 11.61
C PHE B 240 -23.95 13.02 11.10
N PRO B 241 -24.23 13.31 9.82
CA PRO B 241 -23.95 14.64 9.27
C PRO B 241 -24.70 15.83 9.89
N ASN B 242 -25.78 15.62 10.64
CA ASN B 242 -26.46 16.69 11.40
C ASN B 242 -25.67 17.13 12.65
N GLY B 243 -24.72 16.33 13.12
CA GLY B 243 -23.94 16.56 14.33
C GLY B 243 -24.59 16.11 15.64
N ASN B 244 -25.88 15.82 15.66
CA ASN B 244 -26.62 15.41 16.86
C ASN B 244 -26.50 13.92 17.21
N ALA B 245 -25.81 13.13 16.40
CA ALA B 245 -25.61 11.71 16.64
C ALA B 245 -24.28 11.26 16.07
N PHE B 246 -23.80 10.10 16.48
CA PHE B 246 -22.58 9.49 15.95
C PHE B 246 -22.71 7.98 15.97
N ALA B 247 -21.93 7.31 15.15
CA ALA B 247 -21.87 5.86 15.09
C ALA B 247 -20.50 5.40 15.53
N THR B 248 -20.46 4.18 16.07
CA THR B 248 -19.29 3.53 16.66
C THR B 248 -19.18 2.12 16.13
N GLY B 249 -18.00 1.66 15.78
CA GLY B 249 -17.74 0.27 15.41
C GLY B 249 -16.78 -0.38 16.38
N SER B 250 -17.08 -1.60 16.82
CA SER B 250 -16.33 -2.29 17.87
C SER B 250 -15.75 -3.63 17.44
N ASP B 251 -14.94 -4.24 18.31
CA ASP B 251 -14.63 -5.67 18.27
C ASP B 251 -15.84 -6.54 18.63
N ASP B 252 -16.70 -6.03 19.52
CA ASP B 252 -18.10 -6.43 19.53
C ASP B 252 -18.59 -6.15 18.11
N ALA B 253 -18.88 -7.17 17.29
CA ALA B 253 -19.02 -7.02 15.84
C ALA B 253 -20.13 -6.05 15.39
N THR B 254 -20.99 -5.61 16.31
CA THR B 254 -21.98 -4.58 16.04
C THR B 254 -21.38 -3.20 15.80
N CYS B 255 -22.07 -2.41 14.98
CA CYS B 255 -21.94 -0.97 14.98
C CYS B 255 -23.04 -0.40 15.90
N ARG B 256 -22.94 0.80 16.47
CA ARG B 256 -24.02 1.43 17.26
C ARG B 256 -24.14 2.91 16.99
N LEU B 257 -25.37 3.42 16.90
CA LEU B 257 -25.69 4.84 16.72
C LEU B 257 -26.12 5.42 18.07
N PHE B 258 -25.41 6.44 18.55
CA PHE B 258 -25.68 7.16 19.77
C PHE B 258 -26.16 8.58 19.45
N ASP B 259 -27.23 9.06 20.06
CA ASP B 259 -27.68 10.45 19.89
C ASP B 259 -27.34 11.28 21.12
N LEU B 260 -26.71 12.44 20.90
CA LEU B 260 -26.23 13.27 21.98
C LEU B 260 -27.36 13.86 22.83
N ARG B 261 -28.42 14.35 22.19
CA ARG B 261 -29.55 14.98 22.87
C ARG B 261 -30.41 13.94 23.58
N ALA B 262 -30.56 12.74 23.01
CA ALA B 262 -31.12 11.59 23.72
C ALA B 262 -30.19 11.06 24.82
N ASP B 263 -28.90 11.43 24.78
CA ASP B 263 -27.85 11.00 25.68
C ASP B 263 -27.61 9.48 25.73
N GLN B 264 -27.96 8.74 24.66
CA GLN B 264 -27.92 7.27 24.68
C GLN B 264 -27.96 6.61 23.30
N GLU B 265 -27.80 5.28 23.28
CA GLU B 265 -27.90 4.44 22.08
C GLU B 265 -29.31 4.47 21.45
N LEU B 266 -29.38 4.73 20.16
CA LEU B 266 -30.62 4.60 19.38
C LEU B 266 -30.73 3.27 18.64
N MET B 267 -29.65 2.81 17.98
CA MET B 267 -29.65 1.62 17.11
C MET B 267 -28.38 0.81 17.24
N THR B 268 -28.47 -0.45 16.86
CA THR B 268 -27.44 -1.47 17.00
C THR B 268 -27.39 -2.27 15.70
N TYR B 269 -26.41 -2.01 14.84
CA TYR B 269 -26.28 -2.66 13.54
C TYR B 269 -25.45 -3.93 13.68
N SER B 270 -26.12 -5.06 13.74
CA SER B 270 -25.49 -6.38 13.74
C SER B 270 -26.30 -7.34 12.89
N HIS B 271 -25.62 -8.33 12.32
CA HIS B 271 -26.22 -9.44 11.59
C HIS B 271 -25.48 -10.71 12.01
N ASP B 272 -26.18 -11.84 12.20
CA ASP B 272 -25.63 -12.93 13.01
C ASP B 272 -24.34 -13.55 12.46
N ASN B 273 -24.10 -13.44 11.15
CA ASN B 273 -22.90 -13.95 10.48
C ASN B 273 -21.73 -12.95 10.38
N ILE B 274 -21.85 -11.68 10.84
CA ILE B 274 -20.67 -10.84 11.11
C ILE B 274 -20.19 -11.12 12.53
N ILE B 275 -19.17 -11.97 12.64
CA ILE B 275 -18.61 -12.42 13.93
C ILE B 275 -17.46 -11.54 14.43
N CYS B 276 -17.05 -10.55 13.65
CA CYS B 276 -15.71 -9.97 13.69
C CYS B 276 -15.72 -8.44 13.81
N GLY B 277 -14.59 -7.85 14.19
CA GLY B 277 -14.54 -6.43 14.50
C GLY B 277 -14.79 -5.51 13.31
N ILE B 278 -15.48 -4.40 13.56
CA ILE B 278 -15.56 -3.25 12.67
C ILE B 278 -14.30 -2.41 12.85
N THR B 279 -13.60 -2.03 11.79
CA THR B 279 -12.32 -1.29 11.96
C THR B 279 -12.45 0.18 11.62
N SER B 280 -13.51 0.56 10.95
CA SER B 280 -13.71 1.92 10.43
C SER B 280 -15.18 2.10 10.09
N VAL B 281 -15.66 3.33 10.13
CA VAL B 281 -17.07 3.69 9.93
C VAL B 281 -17.14 5.01 9.20
N SER B 282 -18.14 5.23 8.36
CA SER B 282 -18.51 6.55 7.87
C SER B 282 -19.99 6.61 7.55
N PHE B 283 -20.62 7.76 7.66
CA PHE B 283 -21.94 7.98 7.07
C PHE B 283 -21.82 8.46 5.63
N SER B 284 -22.85 8.23 4.83
CA SER B 284 -23.08 8.93 3.56
C SER B 284 -23.74 10.29 3.75
N LYS B 285 -23.68 11.19 2.76
CA LYS B 285 -23.95 12.63 2.97
C LYS B 285 -25.33 12.95 3.52
N SER B 286 -26.38 12.22 3.15
CA SER B 286 -27.72 12.41 3.71
C SER B 286 -27.80 11.97 5.17
N GLY B 287 -26.84 11.19 5.64
CA GLY B 287 -26.91 10.41 6.86
C GLY B 287 -27.57 9.06 6.70
N ARG B 288 -28.17 8.72 5.55
CA ARG B 288 -29.01 7.50 5.44
C ARG B 288 -28.25 6.21 5.42
N LEU B 289 -27.00 6.18 4.97
CA LEU B 289 -26.22 4.96 4.98
C LEU B 289 -25.09 5.07 6.00
N LEU B 290 -24.99 4.11 6.93
CA LEU B 290 -23.70 3.76 7.49
C LEU B 290 -22.96 2.88 6.55
N LEU B 291 -21.69 3.16 6.36
CA LEU B 291 -20.76 2.30 5.70
C LEU B 291 -19.85 1.82 6.84
N ALA B 292 -19.58 0.54 6.98
CA ALA B 292 -18.71 0.03 8.04
C ALA B 292 -17.72 -0.98 7.46
N GLY B 293 -16.43 -0.84 7.77
CA GLY B 293 -15.35 -1.69 7.26
C GLY B 293 -15.01 -2.77 8.27
N TYR B 294 -14.65 -3.98 7.85
CA TYR B 294 -14.57 -5.12 8.76
C TYR B 294 -13.27 -5.91 8.66
N ASP B 295 -12.98 -6.64 9.75
CA ASP B 295 -12.03 -7.74 9.79
C ASP B 295 -12.26 -8.79 8.69
N ASP B 296 -13.52 -9.16 8.39
CA ASP B 296 -13.86 -10.16 7.35
C ASP B 296 -13.80 -9.60 5.93
N PHE B 297 -12.77 -8.81 5.67
CA PHE B 297 -12.23 -8.44 4.38
C PHE B 297 -13.12 -7.53 3.53
N ASN B 298 -14.29 -7.08 3.97
CA ASN B 298 -15.17 -6.22 3.16
C ASN B 298 -15.74 -5.03 3.94
N CYS B 299 -16.55 -4.20 3.28
CA CYS B 299 -17.42 -3.24 3.97
C CYS B 299 -18.84 -3.76 3.90
N ASN B 300 -19.58 -3.71 4.99
CA ASN B 300 -21.04 -3.75 4.92
C ASN B 300 -21.57 -2.33 4.79
N VAL B 301 -22.78 -2.19 4.28
CA VAL B 301 -23.48 -0.92 4.12
C VAL B 301 -24.86 -1.10 4.72
N TRP B 302 -25.29 -0.18 5.57
CA TRP B 302 -26.47 -0.31 6.42
C TRP B 302 -27.39 0.85 6.22
N ASP B 303 -28.69 0.62 6.10
CA ASP B 303 -29.68 1.67 6.23
C ASP B 303 -29.61 2.17 7.68
N ALA B 304 -28.99 3.32 7.92
CA ALA B 304 -28.72 3.80 9.26
C ALA B 304 -29.98 4.06 10.07
N LEU B 305 -31.13 4.25 9.44
CA LEU B 305 -32.40 4.48 10.12
C LEU B 305 -33.12 3.17 10.45
N LYS B 306 -33.13 2.18 9.54
CA LYS B 306 -33.78 0.88 9.77
C LYS B 306 -32.88 -0.18 10.41
N ALA B 307 -31.56 -0.03 10.31
CA ALA B 307 -30.52 -1.02 10.61
C ALA B 307 -30.52 -2.31 9.79
N ASP B 308 -31.27 -2.38 8.70
CA ASP B 308 -31.10 -3.44 7.69
C ASP B 308 -29.77 -3.29 6.97
N ARG B 309 -29.09 -4.38 6.60
CA ARG B 309 -27.93 -4.30 5.71
C ARG B 309 -28.42 -4.03 4.29
N ALA B 310 -28.10 -2.86 3.76
CA ALA B 310 -28.49 -2.41 2.44
C ALA B 310 -27.51 -2.82 1.33
N GLY B 311 -26.25 -3.13 1.64
CA GLY B 311 -25.29 -3.53 0.61
C GLY B 311 -23.95 -4.01 1.15
N VAL B 312 -23.03 -4.34 0.26
CA VAL B 312 -21.67 -4.80 0.58
C VAL B 312 -20.68 -4.20 -0.41
N LEU B 313 -19.50 -3.76 0.04
CA LEU B 313 -18.38 -3.40 -0.83
C LEU B 313 -17.33 -4.52 -0.77
N ALA B 314 -17.50 -5.56 -1.58
CA ALA B 314 -16.84 -6.86 -1.45
C ALA B 314 -15.38 -6.94 -1.94
N GLY B 315 -14.81 -5.85 -2.44
CA GLY B 315 -13.67 -5.90 -3.37
C GLY B 315 -12.28 -6.13 -2.79
N HIS B 316 -12.12 -6.26 -1.47
CA HIS B 316 -10.82 -6.37 -0.81
C HIS B 316 -10.46 -7.81 -0.44
N ASP B 317 -9.19 -8.16 -0.56
CA ASP B 317 -8.65 -9.50 -0.33
C ASP B 317 -7.92 -9.61 1.02
N ASN B 318 -8.02 -8.58 1.86
CA ASN B 318 -7.54 -8.52 3.24
C ASN B 318 -8.35 -7.47 4.01
N ARG B 319 -8.15 -7.34 5.33
CA ARG B 319 -8.97 -6.55 6.26
C ARG B 319 -9.19 -5.13 5.76
N VAL B 320 -10.44 -4.70 5.58
CA VAL B 320 -10.73 -3.30 5.29
C VAL B 320 -10.36 -2.50 6.53
N SER B 321 -9.49 -1.52 6.44
CA SER B 321 -9.06 -0.76 7.62
C SER B 321 -9.56 0.67 7.59
N CYS B 322 -10.17 1.09 6.48
CA CYS B 322 -10.60 2.47 6.30
C CYS B 322 -11.90 2.56 5.52
N LEU B 323 -12.60 3.65 5.75
CA LEU B 323 -13.66 4.20 4.94
C LEU B 323 -13.55 5.70 4.96
N GLY B 324 -14.04 6.35 3.91
CA GLY B 324 -14.40 7.75 3.96
C GLY B 324 -15.37 8.02 2.84
N VAL B 325 -16.53 8.58 3.14
CA VAL B 325 -17.38 9.17 2.11
C VAL B 325 -16.87 10.56 1.82
N THR B 326 -16.78 10.95 0.56
CA THR B 326 -16.35 12.29 0.17
C THR B 326 -17.21 13.38 0.81
N ASP B 327 -16.66 14.58 1.07
CA ASP B 327 -17.49 15.65 1.66
C ASP B 327 -18.65 16.09 0.78
N ASP B 328 -18.55 15.94 -0.54
CA ASP B 328 -19.66 16.17 -1.48
C ASP B 328 -20.60 14.97 -1.64
N GLY B 329 -20.36 13.86 -0.94
CA GLY B 329 -21.16 12.64 -0.97
C GLY B 329 -21.00 11.77 -2.21
N MET B 330 -20.20 12.16 -3.19
CA MET B 330 -20.15 11.52 -4.50
C MET B 330 -19.58 10.09 -4.50
N ALA B 331 -18.71 9.73 -3.57
CA ALA B 331 -18.03 8.44 -3.58
C ALA B 331 -17.64 7.99 -2.18
N VAL B 332 -17.36 6.71 -2.01
CA VAL B 332 -16.71 6.17 -0.81
C VAL B 332 -15.38 5.53 -1.17
N ALA B 333 -14.30 6.02 -0.61
CA ALA B 333 -13.04 5.28 -0.65
C ALA B 333 -13.03 4.26 0.47
N THR B 334 -12.32 3.17 0.25
CA THR B 334 -12.08 2.08 1.18
C THR B 334 -10.62 1.74 1.08
N GLY B 335 -9.94 1.54 2.19
CA GLY B 335 -8.55 1.11 2.22
C GLY B 335 -8.49 -0.23 2.90
N SER B 336 -7.52 -1.05 2.57
CA SER B 336 -7.40 -2.33 3.26
C SER B 336 -5.96 -2.75 3.43
N TRP B 337 -5.78 -3.77 4.23
CA TRP B 337 -4.50 -4.41 4.42
C TRP B 337 -3.98 -5.11 3.16
N ASP B 338 -4.76 -5.19 2.08
CA ASP B 338 -4.30 -5.73 0.81
C ASP B 338 -3.46 -4.73 0.00
N SER B 339 -3.30 -3.51 0.52
CA SER B 339 -2.51 -2.38 0.01
C SER B 339 -3.12 -1.60 -1.15
N PHE B 340 -4.38 -1.83 -1.52
CA PHE B 340 -5.08 -1.01 -2.51
C PHE B 340 -6.21 -0.23 -1.87
N LEU B 341 -6.42 1.03 -2.27
CA LEU B 341 -7.71 1.66 -2.04
C LEU B 341 -8.63 1.36 -3.19
N LYS B 342 -9.93 1.27 -2.93
CA LYS B 342 -10.93 1.16 -3.97
C LYS B 342 -11.98 2.20 -3.72
N ILE B 343 -12.33 2.96 -4.73
CA ILE B 343 -13.31 4.05 -4.67
C ILE B 343 -14.58 3.54 -5.30
N TRP B 344 -15.68 3.65 -4.59
CA TRP B 344 -16.94 3.04 -4.96
C TRP B 344 -18.00 4.11 -5.18
N ASN B 345 -18.88 3.90 -6.13
CA ASN B 345 -20.06 4.73 -6.34
C ASN B 345 -21.22 3.86 -6.84
N ASP C 1 14.82 32.23 -0.17
CA ASP C 1 13.86 32.36 -1.30
C ASP C 1 14.10 31.28 -2.34
N VAL C 2 13.09 30.98 -3.17
CA VAL C 2 13.25 30.19 -4.40
C VAL C 2 13.97 31.02 -5.45
N GLN C 3 14.84 30.43 -6.26
CA GLN C 3 15.69 31.20 -7.17
C GLN C 3 16.01 30.43 -8.46
N LEU C 4 16.17 31.19 -9.55
CA LEU C 4 16.51 30.72 -10.89
C LEU C 4 17.47 31.75 -11.45
N VAL C 5 18.76 31.45 -11.51
CA VAL C 5 19.79 32.38 -11.99
C VAL C 5 20.55 31.79 -13.17
N GLU C 6 20.86 32.64 -14.15
CA GLU C 6 21.04 32.22 -15.55
C GLU C 6 22.32 32.78 -16.13
N SER C 7 23.44 32.04 -16.01
CA SER C 7 24.75 32.49 -16.51
C SER C 7 24.74 32.71 -18.02
N GLY C 8 23.87 31.99 -18.74
CA GLY C 8 23.37 32.45 -20.03
C GLY C 8 24.40 32.72 -21.13
N GLY C 9 24.18 33.79 -21.90
CA GLY C 9 24.98 34.15 -23.07
C GLY C 9 25.19 35.66 -23.23
N GLY C 10 25.39 36.10 -24.47
CA GLY C 10 25.72 37.48 -24.82
C GLY C 10 25.66 37.69 -26.33
N LEU C 11 26.66 38.34 -26.92
CA LEU C 11 26.84 38.39 -28.37
C LEU C 11 27.19 37.03 -28.99
N VAL C 12 26.71 36.82 -30.21
CA VAL C 12 27.13 35.76 -31.14
C VAL C 12 27.17 36.28 -32.58
N GLN C 13 27.93 35.62 -33.45
CA GLN C 13 27.73 35.73 -34.90
C GLN C 13 26.47 34.95 -35.33
N PRO C 14 25.69 35.44 -36.30
CA PRO C 14 24.57 34.69 -36.87
C PRO C 14 25.05 33.38 -37.51
N GLY C 15 24.26 32.32 -37.37
CA GLY C 15 24.64 30.95 -37.70
C GLY C 15 25.57 30.28 -36.68
N GLY C 16 25.96 30.98 -35.60
CA GLY C 16 26.80 30.46 -34.53
C GLY C 16 26.07 29.59 -33.50
N SER C 17 26.74 29.34 -32.38
CA SER C 17 26.31 28.47 -31.29
C SER C 17 26.53 29.11 -29.91
N ARG C 18 25.65 28.83 -28.94
CA ARG C 18 25.77 29.25 -27.52
C ARG C 18 25.07 28.24 -26.61
N LYS C 19 25.54 28.06 -25.37
CA LYS C 19 24.83 27.27 -24.34
C LYS C 19 24.27 28.20 -23.29
N LEU C 20 22.96 28.36 -23.25
CA LEU C 20 22.27 28.97 -22.13
C LEU C 20 22.22 27.97 -20.97
N SER C 21 22.37 28.49 -19.76
CA SER C 21 22.37 27.74 -18.50
C SER C 21 21.55 28.49 -17.46
N CYS C 22 20.80 27.75 -16.65
CA CYS C 22 19.91 28.21 -15.60
C CYS C 22 20.09 27.32 -14.38
N SER C 23 20.89 27.75 -13.42
CA SER C 23 21.02 27.08 -12.13
C SER C 23 19.86 27.49 -11.23
N ALA C 24 19.00 26.55 -10.89
CA ALA C 24 18.00 26.71 -9.85
C ALA C 24 18.61 26.55 -8.46
N SER C 25 17.99 27.18 -7.47
CA SER C 25 18.35 26.99 -6.06
C SER C 25 17.17 27.34 -5.16
N GLY C 26 17.22 26.89 -3.90
CA GLY C 26 16.17 27.16 -2.93
C GLY C 26 14.85 26.42 -3.16
N PHE C 27 14.80 25.44 -4.05
CA PHE C 27 13.64 24.54 -4.23
C PHE C 27 14.02 23.17 -4.80
N ALA C 28 13.12 22.19 -4.67
CA ALA C 28 13.28 20.82 -5.13
C ALA C 28 13.21 20.66 -6.65
N PHE C 29 14.16 21.23 -7.38
CA PHE C 29 14.21 21.34 -8.84
C PHE C 29 13.93 20.05 -9.59
N SER C 30 14.42 18.92 -9.11
CA SER C 30 14.20 17.59 -9.70
C SER C 30 12.72 17.25 -9.90
N SER C 31 11.83 17.83 -9.09
CA SER C 31 10.39 17.62 -9.21
C SER C 31 9.68 18.56 -10.19
N PHE C 32 10.27 19.69 -10.58
CA PHE C 32 9.65 20.67 -11.47
C PHE C 32 9.86 20.35 -12.93
N GLY C 33 8.83 20.52 -13.75
CA GLY C 33 9.02 20.70 -15.19
C GLY C 33 9.59 22.09 -15.43
N MET C 34 10.56 22.23 -16.32
CA MET C 34 11.18 23.52 -16.60
C MET C 34 10.90 23.93 -18.04
N HIS C 35 10.43 25.14 -18.26
CA HIS C 35 10.33 25.75 -19.58
C HIS C 35 11.45 26.73 -19.81
N TRP C 36 11.68 27.09 -21.06
CA TRP C 36 12.26 28.39 -21.39
C TRP C 36 11.21 29.18 -22.16
N VAL C 37 11.12 30.46 -21.85
CA VAL C 37 10.32 31.45 -22.55
C VAL C 37 11.29 32.51 -23.03
N ARG C 38 11.01 33.23 -24.11
CA ARG C 38 11.84 34.36 -24.54
C ARG C 38 11.01 35.57 -24.89
N GLN C 39 11.69 36.69 -25.02
CA GLN C 39 11.11 37.99 -25.29
C GLN C 39 12.08 38.79 -26.15
N ALA C 40 11.75 39.00 -27.42
CA ALA C 40 12.53 39.88 -28.28
C ALA C 40 12.44 41.34 -27.79
N PRO C 41 13.41 42.21 -28.11
CA PRO C 41 13.44 43.57 -27.58
C PRO C 41 12.18 44.37 -27.93
N GLU C 42 11.48 44.86 -26.90
CA GLU C 42 10.22 45.62 -27.01
C GLU C 42 9.10 44.86 -27.77
N LYS C 43 9.02 43.54 -27.58
CA LYS C 43 7.98 42.65 -28.12
C LYS C 43 7.41 41.72 -27.06
N GLY C 44 6.33 41.01 -27.40
CA GLY C 44 5.70 40.02 -26.54
C GLY C 44 6.50 38.72 -26.36
N LEU C 45 5.99 37.82 -25.52
CA LEU C 45 6.64 36.56 -25.17
C LEU C 45 6.45 35.48 -26.24
N GLU C 46 7.45 34.64 -26.41
CA GLU C 46 7.41 33.38 -27.16
C GLU C 46 7.78 32.24 -26.21
N TRP C 47 6.99 31.19 -26.08
CA TRP C 47 7.51 29.97 -25.45
C TRP C 47 8.56 29.32 -26.35
N VAL C 48 9.61 28.73 -25.79
CA VAL C 48 10.77 28.21 -26.53
C VAL C 48 10.83 26.69 -26.47
N ALA C 49 10.77 26.12 -25.27
CA ALA C 49 11.05 24.73 -25.01
C ALA C 49 10.55 24.30 -23.64
N TYR C 50 10.48 23.01 -23.37
CA TYR C 50 10.06 22.43 -22.09
C TYR C 50 10.80 21.13 -21.78
N ILE C 51 11.00 20.79 -20.51
CA ILE C 51 11.31 19.42 -20.07
C ILE C 51 10.35 19.11 -18.91
N SER C 52 9.75 17.94 -18.84
CA SER C 52 9.03 17.55 -17.64
C SER C 52 9.99 17.22 -16.49
N SER C 53 9.44 16.87 -15.32
CA SER C 53 10.19 16.57 -14.11
C SER C 53 11.13 15.37 -14.27
N GLY C 54 10.67 14.30 -14.92
CA GLY C 54 11.44 13.07 -15.11
C GLY C 54 12.52 13.13 -16.18
N SER C 55 12.75 14.29 -16.79
CA SER C 55 13.56 14.51 -18.01
C SER C 55 13.04 13.81 -19.27
N GLY C 56 11.87 13.17 -19.22
CA GLY C 56 11.08 12.79 -20.39
C GLY C 56 10.32 13.99 -20.95
N THR C 57 9.41 13.74 -21.89
CA THR C 57 8.40 14.71 -22.37
C THR C 57 8.99 16.08 -22.68
N ILE C 58 10.10 16.12 -23.40
CA ILE C 58 10.64 17.37 -23.94
C ILE C 58 9.76 17.86 -25.08
N TYR C 59 9.52 19.17 -25.18
CA TYR C 59 8.81 19.81 -26.29
C TYR C 59 9.54 21.07 -26.75
N TYR C 60 9.27 21.55 -27.96
CA TYR C 60 9.81 22.80 -28.51
C TYR C 60 8.79 23.57 -29.35
N ALA C 61 9.00 24.87 -29.54
CA ALA C 61 8.28 25.65 -30.55
C ALA C 61 8.86 25.38 -31.94
N ASP C 62 8.03 25.42 -33.00
CA ASP C 62 8.48 25.09 -34.36
C ASP C 62 9.58 26.04 -34.90
N THR C 63 9.68 27.25 -34.37
CA THR C 63 10.73 28.23 -34.67
C THR C 63 12.11 27.82 -34.20
N VAL C 64 12.22 26.83 -33.29
CA VAL C 64 13.47 26.40 -32.66
C VAL C 64 13.67 24.89 -32.63
N LYS C 65 12.61 24.11 -32.88
CA LYS C 65 12.64 22.64 -32.99
C LYS C 65 13.81 22.19 -33.85
N GLY C 66 14.65 21.31 -33.32
CA GLY C 66 15.86 20.81 -33.98
C GLY C 66 17.08 21.74 -33.95
N ARG C 67 16.92 23.06 -33.87
CA ARG C 67 18.02 24.02 -33.72
C ARG C 67 18.50 24.14 -32.27
N PHE C 68 17.55 24.15 -31.33
CA PHE C 68 17.82 24.20 -29.89
C PHE C 68 17.63 22.81 -29.27
N THR C 69 18.46 22.44 -28.31
CA THR C 69 18.23 21.28 -27.45
C THR C 69 18.16 21.69 -25.98
N ILE C 70 17.09 21.32 -25.28
CA ILE C 70 16.89 21.63 -23.85
C ILE C 70 17.31 20.43 -23.01
N SER C 71 18.07 20.65 -21.94
CA SER C 71 18.68 19.59 -21.14
C SER C 71 18.69 19.95 -19.67
N ARG C 72 18.76 18.99 -18.74
CA ARG C 72 18.82 19.24 -17.30
C ARG C 72 19.76 18.28 -16.60
N ASP C 73 20.32 18.73 -15.49
CA ASP C 73 21.19 17.97 -14.60
C ASP C 73 20.71 18.16 -13.17
N ASP C 74 19.74 17.34 -12.74
CA ASP C 74 19.12 17.45 -11.43
C ASP C 74 20.10 17.32 -10.24
N PRO C 75 21.14 16.47 -10.26
CA PRO C 75 22.18 16.49 -9.24
C PRO C 75 22.94 17.82 -9.07
N LYS C 76 22.87 18.73 -10.06
CA LYS C 76 23.38 20.12 -9.96
C LYS C 76 22.28 21.17 -9.94
N ASN C 77 21.01 20.78 -9.77
CA ASN C 77 19.84 21.65 -9.87
C ASN C 77 19.92 22.64 -11.06
N THR C 78 20.35 22.18 -12.24
CA THR C 78 20.63 23.07 -13.37
C THR C 78 19.90 22.63 -14.62
N LEU C 79 19.37 23.60 -15.35
CA LEU C 79 18.70 23.48 -16.64
C LEU C 79 19.58 24.17 -17.70
N PHE C 80 19.59 23.66 -18.92
CA PHE C 80 20.33 24.18 -20.05
C PHE C 80 19.43 24.33 -21.27
N LEU C 81 19.83 25.19 -22.19
CA LEU C 81 19.28 25.29 -23.54
C LEU C 81 20.47 25.52 -24.46
N GLN C 82 20.82 24.54 -25.29
CA GLN C 82 21.96 24.66 -26.19
C GLN C 82 21.47 25.01 -27.59
N MET C 83 22.02 26.09 -28.12
CA MET C 83 21.47 26.86 -29.21
C MET C 83 22.40 26.62 -30.40
N THR C 84 21.91 26.09 -31.53
CA THR C 84 22.76 25.86 -32.70
C THR C 84 22.13 26.46 -33.96
N SER C 85 22.97 27.03 -34.83
CA SER C 85 22.52 27.84 -35.98
C SER C 85 21.61 28.99 -35.53
N LEU C 86 22.17 29.87 -34.69
CA LEU C 86 21.47 31.03 -34.14
C LEU C 86 21.10 32.05 -35.22
N ARG C 87 19.82 32.21 -35.51
CA ARG C 87 19.33 33.21 -36.47
C ARG C 87 19.29 34.59 -35.83
N SER C 88 19.28 35.66 -36.63
CA SER C 88 19.03 37.01 -36.10
C SER C 88 17.69 37.10 -35.35
N GLU C 89 16.69 36.33 -35.77
CA GLU C 89 15.38 36.17 -35.11
C GLU C 89 15.46 35.56 -33.70
N ASP C 90 16.58 34.95 -33.30
CA ASP C 90 16.80 34.46 -31.93
C ASP C 90 17.30 35.53 -30.94
N THR C 91 17.56 36.77 -31.39
CA THR C 91 17.89 37.87 -30.48
C THR C 91 16.75 38.14 -29.50
N ALA C 92 16.97 37.87 -28.22
CA ALA C 92 15.95 37.97 -27.18
C ALA C 92 16.54 37.91 -25.77
N MET C 93 15.76 38.35 -24.79
CA MET C 93 15.92 37.91 -23.41
C MET C 93 15.22 36.57 -23.23
N TYR C 94 15.91 35.58 -22.66
CA TYR C 94 15.41 34.25 -22.37
C TYR C 94 15.20 34.11 -20.87
N TYR C 95 14.02 33.66 -20.46
CA TYR C 95 13.68 33.35 -19.08
C TYR C 95 13.51 31.85 -18.91
N CYS C 96 14.28 31.26 -18.01
CA CYS C 96 14.03 29.96 -17.41
C CYS C 96 12.77 30.04 -16.56
N VAL C 97 11.86 29.07 -16.62
CA VAL C 97 10.60 29.14 -15.87
C VAL C 97 10.25 27.79 -15.29
N ARG C 98 10.03 27.70 -14.00
CA ARG C 98 9.60 26.43 -13.39
C ARG C 98 8.11 26.23 -13.55
N SER C 99 7.68 24.99 -13.55
CA SER C 99 6.28 24.60 -13.59
C SER C 99 6.10 23.28 -12.87
N ILE C 100 4.97 23.06 -12.22
CA ILE C 100 4.71 21.82 -11.51
C ILE C 100 3.28 21.43 -11.81
N TYR C 101 3.04 20.18 -12.21
CA TYR C 101 1.72 19.74 -12.64
C TYR C 101 1.22 18.64 -11.74
N TYR C 102 0.13 18.93 -11.04
CA TYR C 102 -0.72 18.02 -10.30
C TYR C 102 -2.02 18.75 -9.98
N TYR C 103 -3.09 18.06 -9.57
CA TYR C 103 -4.36 18.73 -9.34
C TYR C 103 -4.22 19.91 -8.37
N GLY C 104 -4.66 21.11 -8.78
CA GLY C 104 -4.59 22.33 -7.98
C GLY C 104 -3.25 23.07 -8.00
N SER C 105 -2.22 22.53 -8.68
CA SER C 105 -0.92 23.21 -8.84
C SER C 105 -0.97 24.48 -9.68
N SER C 106 0.03 25.34 -9.49
CA SER C 106 0.27 26.54 -10.30
C SER C 106 1.58 26.41 -11.07
N PRO C 107 1.58 25.92 -12.33
CA PRO C 107 2.75 25.96 -13.17
C PRO C 107 3.07 27.39 -13.62
N PHE C 108 4.28 27.61 -14.14
CA PHE C 108 4.81 28.95 -14.48
C PHE C 108 4.85 29.91 -13.28
N ASP C 109 4.82 29.43 -12.04
CA ASP C 109 4.67 30.28 -10.86
C ASP C 109 5.93 31.05 -10.47
N PHE C 110 7.11 30.65 -10.92
CA PHE C 110 8.34 31.40 -10.69
C PHE C 110 9.27 31.39 -11.90
N TRP C 111 9.79 32.56 -12.25
CA TRP C 111 10.56 32.81 -13.47
C TRP C 111 11.95 33.35 -13.12
N GLY C 112 12.97 32.86 -13.78
CA GLY C 112 14.32 33.40 -13.65
C GLY C 112 14.40 34.84 -14.10
N GLN C 113 15.38 35.59 -13.59
CA GLN C 113 15.46 37.02 -13.87
C GLN C 113 15.80 37.31 -15.35
N GLY C 114 16.28 36.33 -16.08
CA GLY C 114 16.44 36.32 -17.53
C GLY C 114 17.86 36.64 -17.98
N THR C 115 18.28 36.01 -19.07
CA THR C 115 19.55 36.29 -19.75
C THR C 115 19.29 36.93 -21.10
N THR C 116 20.03 37.98 -21.45
CA THR C 116 20.11 38.43 -22.84
C THR C 116 20.86 37.40 -23.68
N LEU C 117 20.43 37.20 -24.93
CA LEU C 117 21.24 36.74 -26.04
C LEU C 117 21.00 37.68 -27.21
N THR C 118 22.06 38.04 -27.93
CA THR C 118 21.99 39.03 -29.01
C THR C 118 22.92 38.63 -30.16
N VAL C 119 22.55 38.99 -31.38
CA VAL C 119 23.14 38.43 -32.61
C VAL C 119 23.61 39.57 -33.52
N SER C 120 24.86 39.53 -33.98
CA SER C 120 25.44 40.56 -34.85
C SER C 120 24.87 40.50 -36.29
N SER C 121 25.26 41.46 -37.13
CA SER C 121 24.79 41.61 -38.51
C SER C 121 25.76 42.40 -39.40
N SER C 136 -1.32 25.75 -36.97
CA SER C 136 -0.75 24.58 -36.27
C SER C 136 -0.84 24.67 -34.74
N ASP C 137 -1.29 25.80 -34.20
CA ASP C 137 -1.36 26.10 -32.76
C ASP C 137 -2.41 27.19 -32.45
N ILE C 138 -2.78 27.34 -31.17
CA ILE C 138 -3.72 28.37 -30.73
C ILE C 138 -3.05 29.74 -30.79
N VAL C 139 -3.45 30.61 -31.73
CA VAL C 139 -3.08 32.03 -31.66
C VAL C 139 -3.84 32.70 -30.52
N MET C 140 -3.13 33.38 -29.63
CA MET C 140 -3.67 34.19 -28.54
C MET C 140 -3.50 35.67 -28.88
N THR C 141 -4.51 36.50 -28.62
CA THR C 141 -4.48 37.94 -28.94
C THR C 141 -5.23 38.77 -27.91
N GLN C 142 -4.87 40.04 -27.76
CA GLN C 142 -5.37 40.92 -26.70
C GLN C 142 -6.00 42.19 -27.26
N ALA C 143 -6.97 42.75 -26.53
CA ALA C 143 -7.88 43.78 -27.01
C ALA C 143 -7.23 45.12 -27.43
N THR C 144 -5.99 45.40 -27.02
CA THR C 144 -5.24 46.64 -27.31
C THR C 144 -3.74 46.45 -27.11
N SER C 145 -2.91 47.36 -27.61
CA SER C 145 -1.50 47.47 -27.23
C SER C 145 -1.32 48.04 -25.81
N SER C 146 -2.16 48.99 -25.38
CA SER C 146 -2.14 49.52 -24.01
C SER C 146 -3.40 50.28 -23.59
N VAL C 147 -3.54 50.54 -22.29
CA VAL C 147 -4.54 51.44 -21.70
C VAL C 147 -3.89 52.45 -20.71
N PRO C 148 -4.35 53.71 -20.66
CA PRO C 148 -3.92 54.68 -19.67
C PRO C 148 -4.62 54.47 -18.31
N VAL C 149 -3.90 54.63 -17.20
CA VAL C 149 -4.39 54.33 -15.84
C VAL C 149 -3.85 55.28 -14.77
N THR C 150 -4.54 55.33 -13.63
CA THR C 150 -4.08 55.93 -12.37
C THR C 150 -4.47 55.02 -11.19
N PRO C 151 -3.74 55.06 -10.06
CA PRO C 151 -4.09 54.27 -8.88
C PRO C 151 -5.50 54.55 -8.35
N GLY C 152 -6.14 53.55 -7.76
CA GLY C 152 -7.50 53.61 -7.22
C GLY C 152 -8.62 53.39 -8.25
N GLU C 153 -8.33 53.48 -9.55
CA GLU C 153 -9.26 53.05 -10.60
C GLU C 153 -9.41 51.52 -10.63
N SER C 154 -10.36 51.01 -11.43
CA SER C 154 -10.45 49.60 -11.80
C SER C 154 -10.24 49.42 -13.30
N VAL C 155 -9.64 48.30 -13.71
CA VAL C 155 -9.33 48.01 -15.13
C VAL C 155 -9.74 46.58 -15.45
N SER C 156 -10.25 46.35 -16.66
CA SER C 156 -10.61 45.03 -17.16
C SER C 156 -9.85 44.73 -18.45
N ILE C 157 -8.65 44.16 -18.31
CA ILE C 157 -7.84 43.65 -19.42
C ILE C 157 -8.59 42.50 -20.10
N SER C 158 -8.41 42.27 -21.40
CA SER C 158 -9.10 41.18 -22.10
C SER C 158 -8.22 40.49 -23.14
N CYS C 159 -8.50 39.22 -23.37
CA CYS C 159 -7.74 38.32 -24.23
C CYS C 159 -8.69 37.36 -24.95
N ARG C 160 -8.30 36.92 -26.13
CA ARG C 160 -9.07 36.06 -27.04
C ARG C 160 -8.19 34.91 -27.52
N SER C 161 -8.77 33.73 -27.56
CA SER C 161 -8.14 32.49 -28.02
C SER C 161 -8.76 32.02 -29.32
N SER C 162 -7.92 31.56 -30.26
CA SER C 162 -8.35 30.97 -31.53
C SER C 162 -8.97 29.56 -31.41
N LYS C 163 -9.09 29.02 -30.20
CA LYS C 163 -9.73 27.74 -29.86
C LYS C 163 -10.35 27.84 -28.46
N SER C 164 -11.40 27.09 -28.14
CA SER C 164 -11.89 27.04 -26.76
C SER C 164 -10.82 26.43 -25.85
N LEU C 165 -10.39 27.20 -24.84
CA LEU C 165 -9.46 26.75 -23.81
C LEU C 165 -10.15 25.98 -22.68
N LEU C 166 -11.48 26.01 -22.61
CA LEU C 166 -12.22 25.23 -21.62
C LEU C 166 -12.19 23.77 -22.04
N HIS C 167 -11.38 22.98 -21.34
CA HIS C 167 -11.15 21.58 -21.66
C HIS C 167 -12.30 20.68 -21.17
N SER C 168 -12.39 19.45 -21.69
CA SER C 168 -13.44 18.51 -21.29
C SER C 168 -13.37 18.12 -19.81
N ASN C 169 -12.19 18.18 -19.17
CA ASN C 169 -12.05 18.01 -17.72
C ASN C 169 -12.62 19.18 -16.88
N GLY C 170 -13.05 20.27 -17.53
CA GLY C 170 -13.70 21.43 -16.92
C GLY C 170 -12.79 22.60 -16.58
N ASN C 171 -11.48 22.40 -16.42
CA ASN C 171 -10.58 23.51 -16.13
C ASN C 171 -10.08 24.19 -17.42
N THR C 172 -9.85 25.50 -17.37
CA THR C 172 -9.63 26.34 -18.56
C THR C 172 -8.23 26.92 -18.55
N TYR C 173 -7.39 26.54 -19.51
CA TYR C 173 -5.95 26.74 -19.44
C TYR C 173 -5.44 28.13 -19.80
N LEU C 174 -6.17 29.18 -19.43
CA LEU C 174 -5.69 30.56 -19.57
C LEU C 174 -4.84 30.97 -18.36
N TYR C 175 -3.57 31.26 -18.59
CA TYR C 175 -2.66 31.84 -17.60
C TYR C 175 -2.55 33.34 -17.83
N TRP C 176 -2.48 34.14 -16.77
CA TRP C 176 -2.19 35.57 -16.84
C TRP C 176 -0.89 35.90 -16.12
N PHE C 177 -0.01 36.61 -16.80
CA PHE C 177 1.25 37.11 -16.27
C PHE C 177 1.28 38.63 -16.28
N LEU C 178 1.97 39.21 -15.31
CA LEU C 178 2.37 40.61 -15.30
C LEU C 178 3.88 40.69 -15.37
N GLN C 179 4.42 41.47 -16.30
CA GLN C 179 5.80 41.90 -16.29
C GLN C 179 5.87 43.38 -15.94
N ARG C 180 6.38 43.71 -14.74
CA ARG C 180 6.62 45.10 -14.34
C ARG C 180 7.83 45.67 -15.11
N PRO C 181 7.94 46.99 -15.31
CA PRO C 181 9.00 47.57 -16.12
C PRO C 181 10.40 47.14 -15.65
N GLY C 182 11.16 46.53 -16.56
CA GLY C 182 12.52 46.01 -16.30
C GLY C 182 12.60 44.71 -15.49
N GLN C 183 11.48 44.12 -15.07
CA GLN C 183 11.45 42.84 -14.34
C GLN C 183 11.32 41.62 -15.25
N SER C 184 11.57 40.45 -14.69
CA SER C 184 11.09 39.17 -15.24
C SER C 184 9.58 39.01 -15.00
N PRO C 185 8.81 38.31 -15.86
CA PRO C 185 7.39 38.13 -15.67
C PRO C 185 7.04 37.44 -14.35
N GLN C 186 5.81 37.65 -13.88
CA GLN C 186 5.29 37.03 -12.68
C GLN C 186 3.92 36.47 -12.98
N LEU C 187 3.61 35.28 -12.48
CA LEU C 187 2.27 34.72 -12.58
C LEU C 187 1.32 35.56 -11.74
N LEU C 188 0.19 35.96 -12.32
CA LEU C 188 -0.94 36.47 -11.56
C LEU C 188 -1.93 35.37 -11.29
N ILE C 189 -2.44 34.74 -12.34
CA ILE C 189 -3.56 33.79 -12.26
C ILE C 189 -3.24 32.58 -13.13
N TYR C 190 -3.34 31.35 -12.61
CA TYR C 190 -2.85 30.16 -13.32
C TYR C 190 -3.88 29.50 -14.23
N ARG C 191 -5.14 29.36 -13.86
CA ARG C 191 -6.19 29.05 -14.84
C ARG C 191 -7.08 30.30 -14.97
N MET C 192 -8.30 30.29 -15.50
CA MET C 192 -9.02 31.57 -15.66
C MET C 192 -9.09 32.43 -14.39
N SER C 193 -9.28 31.80 -13.22
CA SER C 193 -9.73 32.48 -12.00
C SER C 193 -8.86 32.24 -10.76
N ASN C 194 -7.92 31.30 -10.80
CA ASN C 194 -7.11 30.91 -9.64
C ASN C 194 -5.87 31.78 -9.48
N LEU C 195 -5.82 32.65 -8.48
CA LEU C 195 -4.65 33.51 -8.20
C LEU C 195 -3.47 32.70 -7.67
N ALA C 196 -2.27 33.08 -8.07
CA ALA C 196 -1.05 32.52 -7.49
C ALA C 196 -0.87 32.92 -6.01
N SER C 197 0.04 32.24 -5.31
CA SER C 197 0.54 32.73 -4.02
C SER C 197 1.47 33.93 -4.23
N GLY C 198 1.51 34.85 -3.26
CA GLY C 198 2.24 36.12 -3.38
C GLY C 198 1.54 37.20 -4.22
N VAL C 199 0.33 36.93 -4.74
CA VAL C 199 -0.46 37.86 -5.56
C VAL C 199 -1.64 38.40 -4.73
N PRO C 200 -1.84 39.73 -4.66
CA PRO C 200 -2.89 40.33 -3.84
C PRO C 200 -4.27 40.16 -4.45
N ASP C 201 -5.30 40.26 -3.61
CA ASP C 201 -6.73 40.13 -3.93
C ASP C 201 -7.27 41.20 -4.92
N ARG C 202 -6.43 42.14 -5.37
CA ARG C 202 -6.78 43.12 -6.41
C ARG C 202 -7.17 42.43 -7.72
N PHE C 203 -6.41 41.42 -8.12
CA PHE C 203 -6.56 40.71 -9.39
C PHE C 203 -7.70 39.69 -9.34
N SER C 204 -8.44 39.52 -10.43
CA SER C 204 -9.50 38.51 -10.55
C SER C 204 -9.83 38.25 -12.01
N GLY C 205 -9.65 37.01 -12.47
CA GLY C 205 -9.86 36.62 -13.87
C GLY C 205 -11.14 35.80 -14.07
N SER C 206 -11.66 35.83 -15.30
CA SER C 206 -12.88 35.11 -15.70
C SER C 206 -12.98 35.01 -17.23
N GLY C 207 -13.89 34.21 -17.76
CA GLY C 207 -14.12 34.12 -19.20
C GLY C 207 -15.22 33.14 -19.60
N SER C 208 -15.57 33.17 -20.89
CA SER C 208 -16.56 32.26 -21.47
C SER C 208 -15.96 30.90 -21.87
N GLY C 209 -14.69 30.88 -22.28
CA GLY C 209 -13.99 29.69 -22.78
C GLY C 209 -13.17 29.96 -24.05
N THR C 210 -13.58 30.94 -24.86
CA THR C 210 -12.80 31.48 -26.00
C THR C 210 -12.31 32.91 -25.78
N ALA C 211 -13.02 33.71 -24.99
CA ALA C 211 -12.67 35.09 -24.66
C ALA C 211 -12.77 35.33 -23.15
N PHE C 212 -11.86 36.15 -22.64
CA PHE C 212 -11.48 36.21 -21.23
C PHE C 212 -11.22 37.63 -20.76
N THR C 213 -11.17 37.81 -19.45
CA THR C 213 -10.75 39.05 -18.82
C THR C 213 -9.93 38.80 -17.57
N LEU C 214 -8.99 39.71 -17.33
CA LEU C 214 -8.36 39.92 -16.04
C LEU C 214 -8.83 41.27 -15.54
N THR C 215 -9.51 41.32 -14.40
CA THR C 215 -9.90 42.58 -13.79
C THR C 215 -8.98 42.89 -12.62
N ILE C 216 -8.56 44.14 -12.51
CA ILE C 216 -7.82 44.66 -11.36
C ILE C 216 -8.80 45.61 -10.65
N SER C 217 -9.21 45.25 -9.44
CA SER C 217 -10.39 45.81 -8.79
C SER C 217 -10.19 47.23 -8.26
N ARG C 218 -8.96 47.56 -7.83
CA ARG C 218 -8.56 48.87 -7.27
C ARG C 218 -7.05 49.05 -7.40
N LEU C 219 -6.60 49.55 -8.55
CA LEU C 219 -5.19 49.58 -8.94
C LEU C 219 -4.28 50.23 -7.88
N GLU C 220 -3.05 49.74 -7.80
CA GLU C 220 -1.94 50.40 -7.11
C GLU C 220 -0.84 50.74 -8.12
N ALA C 221 0.07 51.66 -7.79
CA ALA C 221 1.13 52.07 -8.72
C ALA C 221 2.04 50.89 -9.14
N GLU C 222 2.13 49.84 -8.33
CA GLU C 222 2.83 48.59 -8.67
C GLU C 222 2.13 47.73 -9.74
N ASP C 223 0.90 48.06 -10.15
CA ASP C 223 0.18 47.38 -11.24
C ASP C 223 0.54 47.92 -12.64
N VAL C 224 1.43 48.91 -12.72
CA VAL C 224 2.05 49.35 -13.99
C VAL C 224 2.89 48.21 -14.57
N GLY C 225 2.87 48.04 -15.90
CA GLY C 225 3.60 46.98 -16.59
C GLY C 225 2.80 46.35 -17.72
N VAL C 226 3.34 45.27 -18.29
CA VAL C 226 2.79 44.61 -19.48
C VAL C 226 2.16 43.29 -19.08
N TYR C 227 0.90 43.08 -19.46
CA TYR C 227 0.13 41.91 -19.07
C TYR C 227 -0.03 40.96 -20.24
N TYR C 228 0.43 39.73 -20.11
CA TYR C 228 0.31 38.69 -21.13
C TYR C 228 -0.69 37.64 -20.67
N CYS C 229 -1.70 37.36 -21.48
CA CYS C 229 -2.36 36.06 -21.37
C CYS C 229 -1.47 35.00 -22.01
N MET C 230 -1.71 33.74 -21.66
CA MET C 230 -1.10 32.57 -22.29
C MET C 230 -2.08 31.41 -22.24
N GLN C 231 -1.98 30.45 -23.15
CA GLN C 231 -2.74 29.21 -23.07
C GLN C 231 -1.82 28.04 -22.72
N HIS C 232 -2.36 27.05 -22.01
CA HIS C 232 -1.68 25.80 -21.70
C HIS C 232 -2.51 24.57 -22.06
N LEU C 233 -3.44 24.67 -23.01
CA LEU C 233 -4.22 23.52 -23.47
C LEU C 233 -3.37 22.59 -24.33
N GLU C 234 -2.53 23.18 -25.18
CA GLU C 234 -1.68 22.45 -26.12
C GLU C 234 -0.29 23.08 -26.18
N TYR C 235 0.75 22.26 -26.28
CA TYR C 235 2.03 22.70 -26.81
C TYR C 235 1.92 22.81 -28.35
N PRO C 236 2.52 23.81 -29.01
CA PRO C 236 3.26 24.93 -28.45
C PRO C 236 2.41 25.88 -27.61
N LEU C 237 2.97 26.29 -26.47
CA LEU C 237 2.35 27.29 -25.60
C LEU C 237 2.45 28.66 -26.27
N THR C 238 1.41 29.46 -26.16
CA THR C 238 1.32 30.72 -26.90
C THR C 238 0.81 31.84 -26.01
N PHE C 239 1.56 32.93 -25.98
CA PHE C 239 1.22 34.16 -25.28
C PHE C 239 0.48 35.14 -26.18
N GLY C 240 -0.33 36.02 -25.61
CA GLY C 240 -0.76 37.23 -26.30
C GLY C 240 0.39 38.23 -26.45
N ALA C 241 0.24 39.22 -27.32
CA ALA C 241 1.08 40.42 -27.26
C ALA C 241 0.49 41.34 -26.18
N GLY C 242 1.25 41.59 -25.13
CA GLY C 242 0.66 42.03 -23.87
C GLY C 242 0.18 43.47 -23.84
N THR C 243 -0.97 43.73 -23.21
CA THR C 243 -1.44 45.08 -22.96
C THR C 243 -0.54 45.77 -21.95
N LYS C 244 0.06 46.92 -22.26
CA LYS C 244 0.64 47.78 -21.22
C LYS C 244 -0.47 48.46 -20.43
N LEU C 245 -0.30 48.60 -19.13
CA LEU C 245 -1.00 49.61 -18.34
C LEU C 245 -0.01 50.74 -18.09
N GLU C 246 -0.36 51.96 -18.52
CA GLU C 246 0.54 53.11 -18.53
C GLU C 246 0.01 54.21 -17.59
N LEU C 247 0.83 54.66 -16.63
CA LEU C 247 0.41 55.64 -15.62
C LEU C 247 -0.01 56.98 -16.25
N THR D 6 -3.57 7.50 49.31
CA THR D 6 -4.09 8.89 49.19
C THR D 6 -4.76 9.16 47.83
N ALA D 7 -4.04 9.12 46.70
CA ALA D 7 -4.49 9.68 45.42
C ALA D 7 -5.77 9.05 44.85
N SER D 8 -6.10 7.80 45.20
CA SER D 8 -7.36 7.15 44.79
C SER D 8 -8.60 7.92 45.25
N ILE D 9 -8.56 8.61 46.39
CA ILE D 9 -9.63 9.50 46.85
C ILE D 9 -9.74 10.71 45.93
N ALA D 10 -8.64 11.40 45.61
CA ALA D 10 -8.66 12.54 44.68
C ALA D 10 -9.21 12.13 43.29
N GLN D 11 -8.78 10.97 42.78
CA GLN D 11 -9.31 10.38 41.55
C GLN D 11 -10.82 10.07 41.66
N ALA D 12 -11.28 9.49 42.76
CA ALA D 12 -12.71 9.22 42.96
C ALA D 12 -13.54 10.50 43.13
N ARG D 13 -13.05 11.54 43.81
CA ARG D 13 -13.69 12.87 43.86
C ARG D 13 -13.83 13.46 42.45
N LYS D 14 -12.76 13.41 41.65
CA LYS D 14 -12.73 13.88 40.25
C LYS D 14 -13.73 13.10 39.38
N LEU D 15 -13.76 11.77 39.46
CA LEU D 15 -14.70 10.92 38.75
C LEU D 15 -16.16 11.16 39.17
N VAL D 16 -16.43 11.32 40.47
CA VAL D 16 -17.76 11.67 40.99
C VAL D 16 -18.20 13.04 40.48
N GLU D 17 -17.32 14.04 40.50
CA GLU D 17 -17.64 15.37 39.98
C GLU D 17 -17.94 15.34 38.47
N GLN D 18 -17.21 14.55 37.69
CA GLN D 18 -17.49 14.32 36.27
C GLN D 18 -18.85 13.63 36.06
N LEU D 19 -19.17 12.59 36.82
CA LEU D 19 -20.47 11.93 36.75
C LEU D 19 -21.61 12.88 37.13
N LYS D 20 -21.43 13.75 38.13
CA LYS D 20 -22.42 14.76 38.52
C LYS D 20 -22.62 15.80 37.42
N MET D 21 -21.52 16.30 36.84
CA MET D 21 -21.54 17.22 35.70
C MET D 21 -22.30 16.63 34.50
N GLU D 22 -22.06 15.35 34.19
CA GLU D 22 -22.77 14.64 33.13
C GLU D 22 -24.24 14.35 33.48
N ALA D 23 -24.56 14.06 34.75
CA ALA D 23 -25.94 13.83 35.20
C ALA D 23 -26.84 15.06 35.01
N ASN D 24 -26.31 16.26 35.28
CA ASN D 24 -27.03 17.54 35.17
C ASN D 24 -27.47 17.92 33.74
N ILE D 25 -27.00 17.24 32.69
CA ILE D 25 -27.30 17.56 31.29
C ILE D 25 -28.79 17.35 30.97
N ASP D 26 -29.37 18.26 30.18
CA ASP D 26 -30.70 18.08 29.60
C ASP D 26 -30.67 16.99 28.52
N ARG D 27 -31.46 15.93 28.71
CA ARG D 27 -31.64 14.83 27.75
C ARG D 27 -33.10 14.78 27.26
N ILE D 28 -33.30 14.86 25.95
CA ILE D 28 -34.62 14.93 25.31
C ILE D 28 -35.19 13.53 25.05
N LYS D 29 -36.50 13.45 24.83
CA LYS D 29 -37.20 12.20 24.48
C LYS D 29 -36.58 11.54 23.24
N VAL D 30 -36.34 10.23 23.30
CA VAL D 30 -35.80 9.47 22.17
C VAL D 30 -36.68 9.56 20.94
N SER D 31 -38.01 9.59 21.07
CA SER D 31 -38.93 9.79 19.95
C SER D 31 -38.61 11.07 19.17
N LYS D 32 -38.42 12.20 19.86
CA LYS D 32 -38.04 13.50 19.27
C LYS D 32 -36.64 13.45 18.65
N ALA D 33 -35.67 12.88 19.36
CA ALA D 33 -34.31 12.73 18.88
C ALA D 33 -34.22 11.88 17.61
N ALA D 34 -34.82 10.70 17.62
CA ALA D 34 -34.96 9.82 16.48
C ALA D 34 -35.69 10.50 15.31
N ALA D 35 -36.81 11.17 15.58
CA ALA D 35 -37.59 11.84 14.54
C ALA D 35 -36.81 12.99 13.89
N ASP D 36 -36.03 13.76 14.63
CA ASP D 36 -35.15 14.79 14.05
C ASP D 36 -34.00 14.20 13.23
N LEU D 37 -33.39 13.10 13.69
CA LEU D 37 -32.35 12.39 12.96
C LEU D 37 -32.91 11.86 11.63
N MET D 38 -34.06 11.19 11.67
CA MET D 38 -34.80 10.75 10.49
C MET D 38 -35.23 11.92 9.59
N ALA D 39 -35.71 13.03 10.13
CA ALA D 39 -36.19 14.17 9.35
C ALA D 39 -35.04 14.91 8.62
N TYR D 40 -33.89 15.08 9.26
CA TYR D 40 -32.69 15.56 8.56
C TYR D 40 -32.34 14.62 7.42
N CYS D 41 -32.38 13.32 7.71
CA CYS D 41 -31.98 12.31 6.77
C CYS D 41 -32.90 12.23 5.55
N GLU D 42 -34.20 12.44 5.71
CA GLU D 42 -35.14 12.61 4.61
C GLU D 42 -34.88 13.92 3.85
N ALA D 43 -34.69 15.04 4.55
CA ALA D 43 -34.49 16.33 3.90
C ALA D 43 -33.26 16.36 2.99
N HIS D 44 -32.14 15.76 3.39
CA HIS D 44 -30.94 15.65 2.57
C HIS D 44 -30.88 14.40 1.68
N ALA D 45 -31.95 13.60 1.57
CA ALA D 45 -31.94 12.35 0.81
C ALA D 45 -31.63 12.55 -0.68
N LYS D 46 -32.23 13.55 -1.33
CA LYS D 46 -32.00 13.90 -2.74
C LYS D 46 -30.61 14.49 -3.02
N GLU D 47 -29.82 14.79 -2.00
CA GLU D 47 -28.48 15.39 -2.10
C GLU D 47 -27.34 14.36 -1.90
N ASP D 48 -27.63 13.06 -1.89
CA ASP D 48 -26.67 12.01 -1.55
C ASP D 48 -26.47 11.01 -2.71
N PRO D 49 -25.36 11.11 -3.46
CA PRO D 49 -25.07 10.23 -4.57
C PRO D 49 -24.84 8.76 -4.23
N LEU D 50 -24.58 8.39 -2.98
CA LEU D 50 -24.50 6.98 -2.59
C LEU D 50 -25.88 6.44 -2.28
N LEU D 51 -26.74 7.21 -1.61
CA LEU D 51 -28.12 6.82 -1.35
C LEU D 51 -28.96 6.75 -2.64
N THR D 52 -28.91 7.80 -3.47
CA THR D 52 -29.73 7.94 -4.67
C THR D 52 -28.83 8.37 -5.83
N PRO D 53 -28.30 7.40 -6.62
CA PRO D 53 -27.21 7.66 -7.55
C PRO D 53 -27.53 8.70 -8.61
N VAL D 54 -26.55 9.57 -8.87
CA VAL D 54 -26.57 10.53 -9.97
C VAL D 54 -26.39 9.81 -11.32
N PRO D 55 -26.89 10.35 -12.44
CA PRO D 55 -26.63 9.78 -13.76
C PRO D 55 -25.13 9.81 -14.11
N ALA D 56 -24.69 8.91 -14.98
CA ALA D 56 -23.26 8.73 -15.29
C ALA D 56 -22.57 10.03 -15.73
N SER D 57 -23.23 10.90 -16.50
CA SER D 57 -22.68 12.17 -16.95
C SER D 57 -22.47 13.21 -15.84
N GLU D 58 -23.13 13.07 -14.68
CA GLU D 58 -22.89 13.89 -13.49
C GLU D 58 -21.79 13.30 -12.58
N ASN D 59 -21.67 11.97 -12.55
CA ASN D 59 -20.67 11.24 -11.77
C ASN D 59 -19.24 11.55 -12.25
N PRO D 60 -18.33 12.07 -11.42
CA PRO D 60 -16.92 12.28 -11.79
C PRO D 60 -16.12 10.98 -11.93
N PHE D 61 -16.63 9.90 -11.35
CA PHE D 61 -16.05 8.57 -11.32
C PHE D 61 -16.61 7.66 -12.44
N ARG D 62 -16.89 8.20 -13.63
CA ARG D 62 -17.19 7.40 -14.83
C ARG D 62 -16.08 6.40 -15.13
N GLU D 63 -16.44 5.22 -15.62
CA GLU D 63 -15.52 4.09 -15.80
C GLU D 63 -14.40 4.38 -16.81
N TYR E 179 -8.65 -51.53 -32.18
CA TYR E 179 -8.51 -52.11 -30.83
C TYR E 179 -9.24 -51.25 -29.79
N ASN E 180 -10.52 -51.54 -29.50
CA ASN E 180 -11.38 -50.72 -28.66
C ASN E 180 -10.92 -50.59 -27.19
N TYR E 181 -10.38 -51.66 -26.60
CA TYR E 181 -9.88 -51.64 -25.21
C TYR E 181 -8.68 -50.72 -25.03
N TYR E 182 -7.67 -50.85 -25.89
CA TYR E 182 -6.49 -49.97 -25.90
C TYR E 182 -6.87 -48.52 -26.21
N ALA E 183 -7.72 -48.27 -27.20
CA ALA E 183 -8.29 -46.95 -27.48
C ALA E 183 -9.01 -46.34 -26.26
N THR E 184 -9.75 -47.15 -25.50
CA THR E 184 -10.42 -46.71 -24.26
C THR E 184 -9.41 -46.33 -23.17
N LEU E 185 -8.41 -47.18 -22.89
CA LEU E 185 -7.37 -46.91 -21.90
C LEU E 185 -6.57 -45.64 -22.25
N LEU E 186 -6.20 -45.49 -23.52
CA LEU E 186 -5.56 -44.29 -24.04
C LEU E 186 -6.46 -43.05 -23.92
N THR E 187 -7.77 -43.18 -24.14
CA THR E 187 -8.72 -42.07 -23.96
C THR E 187 -8.80 -41.63 -22.49
N LEU E 188 -8.80 -42.57 -21.55
CA LEU E 188 -8.82 -42.26 -20.12
C LEU E 188 -7.58 -41.47 -19.67
N LEU E 189 -6.39 -41.77 -20.21
CA LEU E 189 -5.19 -40.99 -19.96
C LEU E 189 -5.39 -39.49 -20.30
N ILE E 190 -6.06 -39.17 -21.42
CA ILE E 190 -6.35 -37.78 -21.81
C ILE E 190 -7.10 -37.09 -20.67
N ALA E 191 -8.18 -37.71 -20.19
CA ALA E 191 -9.03 -37.14 -19.16
C ALA E 191 -8.27 -36.90 -17.84
N VAL E 192 -7.41 -37.84 -17.43
CA VAL E 192 -6.59 -37.67 -16.21
C VAL E 192 -5.60 -36.52 -16.36
N ILE E 193 -4.92 -36.39 -17.50
CA ILE E 193 -4.00 -35.27 -17.72
C ILE E 193 -4.78 -33.94 -17.68
N VAL E 194 -5.94 -33.85 -18.32
CA VAL E 194 -6.76 -32.64 -18.26
C VAL E 194 -7.15 -32.32 -16.82
N PHE E 195 -7.76 -33.26 -16.10
CA PHE E 195 -8.29 -33.06 -14.75
C PHE E 195 -7.25 -32.49 -13.78
N GLY E 196 -6.11 -33.18 -13.61
CA GLY E 196 -5.10 -32.75 -12.65
C GLY E 196 -4.54 -31.37 -12.98
N ASN E 197 -4.26 -31.11 -14.26
CA ASN E 197 -3.70 -29.83 -14.67
C ASN E 197 -4.71 -28.68 -14.65
N VAL E 198 -6.00 -28.95 -14.78
CA VAL E 198 -7.05 -27.95 -14.55
C VAL E 198 -7.11 -27.55 -13.07
N LEU E 199 -7.13 -28.50 -12.13
CA LEU E 199 -7.21 -28.18 -10.71
C LEU E 199 -6.05 -27.30 -10.22
N VAL E 200 -4.81 -27.58 -10.64
CA VAL E 200 -3.67 -26.73 -10.30
C VAL E 200 -3.79 -25.33 -10.89
N CYS E 201 -4.28 -25.19 -12.12
CA CYS E 201 -4.52 -23.86 -12.70
C CYS E 201 -5.61 -23.11 -11.92
N MET E 202 -6.69 -23.77 -11.53
CA MET E 202 -7.74 -23.19 -10.68
C MET E 202 -7.20 -22.77 -9.30
N ALA E 203 -6.43 -23.62 -8.63
CA ALA E 203 -5.90 -23.37 -7.30
C ALA E 203 -4.99 -22.14 -7.26
N VAL E 204 -4.01 -22.05 -8.17
CA VAL E 204 -3.09 -20.90 -8.22
C VAL E 204 -3.81 -19.64 -8.70
N SER E 205 -4.81 -19.77 -9.57
CA SER E 205 -5.66 -18.64 -9.97
C SER E 205 -6.42 -18.05 -8.77
N ARG E 206 -6.94 -18.89 -7.86
CA ARG E 206 -7.73 -18.45 -6.69
C ARG E 206 -6.90 -17.86 -5.55
N GLU E 207 -5.90 -18.56 -5.02
CA GLU E 207 -5.32 -18.23 -3.71
C GLU E 207 -4.04 -17.39 -3.80
N LYS E 208 -4.02 -16.19 -3.19
CA LYS E 208 -2.80 -15.35 -3.09
C LYS E 208 -1.67 -16.07 -2.34
N ALA E 209 -1.99 -16.86 -1.33
CA ALA E 209 -1.02 -17.71 -0.63
C ALA E 209 -0.34 -18.74 -1.55
N LEU E 210 -1.00 -19.16 -2.64
CA LEU E 210 -0.40 -20.00 -3.66
C LEU E 210 0.36 -19.22 -4.72
N GLN E 211 0.20 -17.92 -4.91
CA GLN E 211 0.78 -17.17 -6.03
C GLN E 211 2.27 -16.80 -5.84
N THR E 212 3.04 -17.70 -5.24
CA THR E 212 4.51 -17.61 -5.10
C THR E 212 5.24 -17.99 -6.41
N THR E 213 6.53 -17.69 -6.47
CA THR E 213 7.44 -17.89 -7.61
C THR E 213 7.33 -19.28 -8.24
N THR E 214 7.48 -20.36 -7.45
CA THR E 214 7.38 -21.72 -7.99
C THR E 214 6.02 -22.02 -8.53
N ASN E 215 4.96 -21.38 -8.05
CA ASN E 215 3.63 -21.83 -8.35
C ASN E 215 3.11 -21.27 -9.66
N TYR E 216 3.62 -20.13 -10.11
CA TYR E 216 3.51 -19.74 -11.52
C TYR E 216 4.28 -20.68 -12.43
N LEU E 217 5.48 -21.13 -12.05
CA LEU E 217 6.18 -22.16 -12.83
C LEU E 217 5.42 -23.49 -12.84
N ILE E 218 4.75 -23.86 -11.76
CA ILE E 218 3.88 -25.05 -11.71
C ILE E 218 2.62 -24.85 -12.55
N VAL E 219 2.06 -23.65 -12.66
CA VAL E 219 1.02 -23.34 -13.65
C VAL E 219 1.57 -23.50 -15.07
N SER E 220 2.74 -22.95 -15.36
CA SER E 220 3.37 -23.07 -16.67
C SER E 220 3.63 -24.54 -17.04
N LEU E 221 4.08 -25.36 -16.09
CA LEU E 221 4.16 -26.81 -16.24
C LEU E 221 2.78 -27.38 -16.56
N ALA E 222 1.76 -27.05 -15.77
CA ALA E 222 0.42 -27.58 -15.98
C ALA E 222 -0.20 -27.17 -17.32
N VAL E 223 0.10 -25.96 -17.81
CA VAL E 223 -0.32 -25.52 -19.14
C VAL E 223 0.42 -26.32 -20.20
N ALA E 224 1.74 -26.51 -20.10
CA ALA E 224 2.44 -27.39 -21.03
C ALA E 224 1.86 -28.82 -21.02
N ASP E 225 1.55 -29.35 -19.85
CA ASP E 225 0.85 -30.62 -19.73
C ASP E 225 -0.57 -30.60 -20.32
N LEU E 226 -1.30 -29.48 -20.29
CA LEU E 226 -2.62 -29.35 -20.94
C LEU E 226 -2.51 -29.24 -22.46
N LEU E 227 -1.53 -28.53 -22.98
CA LEU E 227 -1.30 -28.47 -24.42
C LEU E 227 -0.76 -29.80 -24.95
N VAL E 228 0.02 -30.54 -24.16
CA VAL E 228 0.25 -31.97 -24.38
C VAL E 228 -1.08 -32.74 -24.36
N ALA E 229 -1.97 -32.50 -23.39
CA ALA E 229 -3.24 -33.22 -23.31
C ALA E 229 -4.18 -32.98 -24.49
N THR E 230 -4.15 -31.78 -25.08
CA THR E 230 -5.18 -31.32 -26.03
C THR E 230 -4.65 -31.16 -27.45
N LEU E 231 -3.54 -30.45 -27.65
CA LEU E 231 -2.96 -30.21 -28.98
C LEU E 231 -2.21 -31.43 -29.53
N VAL E 232 -2.02 -32.48 -28.72
CA VAL E 232 -1.15 -33.61 -29.02
C VAL E 232 -1.82 -34.95 -28.72
N MET E 233 -2.24 -35.17 -27.47
CA MET E 233 -2.71 -36.49 -27.02
C MET E 233 -3.75 -37.14 -27.95
N PRO E 234 -4.87 -36.48 -28.32
CA PRO E 234 -5.93 -37.14 -29.07
C PRO E 234 -5.46 -37.63 -30.44
N TRP E 235 -4.61 -36.83 -31.11
CA TRP E 235 -4.07 -37.16 -32.43
C TRP E 235 -3.00 -38.25 -32.35
N VAL E 236 -2.14 -38.28 -31.32
CA VAL E 236 -1.23 -39.43 -31.12
C VAL E 236 -2.01 -40.70 -30.77
N VAL E 237 -3.06 -40.59 -29.94
CA VAL E 237 -3.94 -41.72 -29.61
C VAL E 237 -4.58 -42.27 -30.88
N TYR E 238 -5.15 -41.42 -31.72
CA TYR E 238 -5.76 -41.86 -32.97
C TYR E 238 -4.74 -42.52 -33.90
N LEU E 239 -3.54 -41.94 -34.05
CA LEU E 239 -2.42 -42.52 -34.80
C LEU E 239 -2.06 -43.91 -34.29
N GLU E 240 -1.97 -44.09 -32.98
CA GLU E 240 -1.66 -45.38 -32.36
C GLU E 240 -2.80 -46.40 -32.53
N VAL E 241 -4.05 -45.92 -32.56
CA VAL E 241 -5.24 -46.76 -32.78
C VAL E 241 -5.35 -47.23 -34.23
N VAL E 242 -5.19 -46.35 -35.23
CA VAL E 242 -5.32 -46.71 -36.65
C VAL E 242 -4.03 -47.22 -37.28
N GLY E 243 -2.87 -46.97 -36.66
CA GLY E 243 -1.55 -47.45 -37.12
C GLY E 243 -1.07 -46.81 -38.43
N GLU E 244 -1.60 -45.65 -38.78
CA GLU E 244 -1.44 -44.97 -40.08
C GLU E 244 -1.64 -43.47 -39.88
N TRP E 245 -1.13 -42.63 -40.79
CA TRP E 245 -1.36 -41.19 -40.78
C TRP E 245 -2.38 -40.79 -41.86
N LYS E 246 -3.41 -40.03 -41.47
CA LYS E 246 -4.60 -39.74 -42.30
C LYS E 246 -4.59 -38.36 -43.00
N PHE E 247 -3.50 -37.58 -42.88
CA PHE E 247 -3.49 -36.16 -43.23
C PHE E 247 -2.25 -35.74 -44.03
N SER E 248 -2.32 -34.57 -44.66
CA SER E 248 -1.22 -33.98 -45.44
C SER E 248 0.01 -33.66 -44.56
N ARG E 249 1.19 -33.58 -45.18
CA ARG E 249 2.47 -33.24 -44.51
C ARG E 249 2.40 -31.94 -43.70
N ILE E 250 1.68 -30.92 -44.16
CA ILE E 250 1.48 -29.66 -43.41
C ILE E 250 0.79 -29.91 -42.06
N HIS E 251 -0.20 -30.80 -42.00
CA HIS E 251 -0.83 -31.13 -40.71
C HIS E 251 0.16 -31.88 -39.80
N CYS E 252 1.00 -32.76 -40.34
CA CYS E 252 2.06 -33.39 -39.57
C CYS E 252 3.09 -32.36 -39.06
N ASP E 253 3.54 -31.43 -39.89
CA ASP E 253 4.45 -30.36 -39.50
C ASP E 253 3.90 -29.55 -38.33
N ILE E 254 2.62 -29.17 -38.36
CA ILE E 254 1.94 -28.51 -37.24
C ILE E 254 1.86 -29.44 -36.02
N PHE E 255 1.22 -30.61 -36.16
CA PHE E 255 0.98 -31.55 -35.08
C PHE E 255 2.26 -31.96 -34.35
N VAL E 256 3.31 -32.31 -35.09
CA VAL E 256 4.53 -32.82 -34.48
C VAL E 256 5.44 -31.69 -33.98
N THR E 257 5.37 -30.48 -34.56
CA THR E 257 5.91 -29.29 -33.87
C THR E 257 5.26 -29.11 -32.51
N LEU E 258 3.93 -29.26 -32.43
CA LEU E 258 3.21 -29.15 -31.16
C LEU E 258 3.55 -30.30 -30.22
N ASP E 259 3.65 -31.55 -30.67
CA ASP E 259 4.11 -32.66 -29.83
C ASP E 259 5.47 -32.37 -29.20
N VAL E 260 6.48 -32.11 -30.03
CA VAL E 260 7.82 -31.80 -29.53
C VAL E 260 7.81 -30.54 -28.70
N MET E 261 7.04 -29.52 -29.06
CA MET E 261 7.03 -28.27 -28.30
C MET E 261 6.41 -28.49 -26.94
N MET E 262 5.19 -29.03 -26.85
CA MET E 262 4.49 -29.11 -25.58
C MET E 262 5.17 -30.09 -24.62
N CYS E 263 5.70 -31.22 -25.13
CA CYS E 263 6.53 -32.08 -24.32
C CYS E 263 7.80 -31.37 -23.87
N THR E 264 8.50 -30.66 -24.74
CA THR E 264 9.71 -29.94 -24.35
C THR E 264 9.40 -28.81 -23.39
N ALA E 265 8.29 -28.10 -23.54
CA ALA E 265 7.85 -27.11 -22.58
C ALA E 265 7.55 -27.77 -21.23
N SER E 266 6.99 -28.97 -21.22
CA SER E 266 6.78 -29.71 -19.97
C SER E 266 8.11 -30.08 -19.32
N ILE E 267 9.05 -30.69 -20.03
CA ILE E 267 10.35 -31.06 -19.47
C ILE E 267 11.16 -29.83 -19.05
N LEU E 268 11.17 -28.77 -19.84
CA LEU E 268 11.84 -27.53 -19.46
C LEU E 268 11.15 -26.88 -18.25
N ASN E 269 9.84 -26.96 -18.09
CA ASN E 269 9.20 -26.50 -16.87
C ASN E 269 9.71 -27.27 -15.65
N LEU E 270 9.88 -28.60 -15.70
CA LEU E 270 10.51 -29.35 -14.60
C LEU E 270 11.89 -28.81 -14.29
N CYS E 271 12.70 -28.52 -15.31
CA CYS E 271 14.02 -27.95 -15.10
C CYS E 271 13.97 -26.54 -14.50
N ALA E 272 13.03 -25.72 -14.92
CA ALA E 272 12.85 -24.38 -14.37
C ALA E 272 12.37 -24.41 -12.92
N ILE E 273 11.40 -25.25 -12.57
CA ILE E 273 10.97 -25.42 -11.18
C ILE E 273 12.13 -25.92 -10.32
N SER E 274 12.95 -26.82 -10.83
CA SER E 274 14.11 -27.30 -10.09
C SER E 274 15.16 -26.22 -9.87
N ILE E 275 15.38 -25.31 -10.83
CA ILE E 275 16.27 -24.15 -10.65
C ILE E 275 15.64 -23.13 -9.68
N ASP E 276 14.33 -22.97 -9.70
CA ASP E 276 13.66 -22.09 -8.75
C ASP E 276 13.77 -22.62 -7.32
N ARG E 277 13.51 -23.90 -7.09
CA ARG E 277 13.73 -24.57 -5.81
C ARG E 277 15.18 -24.53 -5.38
N TYR E 278 16.15 -24.49 -6.30
CA TYR E 278 17.54 -24.28 -5.92
C TYR E 278 17.77 -22.85 -5.43
N THR E 279 17.16 -21.86 -6.10
CA THR E 279 17.22 -20.46 -5.64
C THR E 279 16.58 -20.30 -4.26
N ALA E 280 15.47 -20.99 -4.00
CA ALA E 280 14.76 -20.99 -2.73
C ALA E 280 15.60 -21.40 -1.53
N VAL E 281 16.65 -22.21 -1.74
CA VAL E 281 17.50 -22.76 -0.68
C VAL E 281 18.92 -22.21 -0.72
N ALA E 282 19.56 -22.15 -1.89
CA ALA E 282 20.95 -21.70 -2.03
C ALA E 282 21.11 -20.17 -2.13
N MET E 283 20.05 -19.44 -2.49
CA MET E 283 20.06 -17.97 -2.61
C MET E 283 18.78 -17.38 -2.00
N PRO E 284 18.48 -17.67 -0.73
CA PRO E 284 17.12 -17.63 -0.20
C PRO E 284 16.52 -16.23 -0.16
N MET E 285 17.33 -15.17 -0.06
CA MET E 285 16.86 -13.79 -0.07
C MET E 285 16.34 -13.37 -1.46
N LEU E 286 16.94 -13.89 -2.54
CA LEU E 286 16.49 -13.65 -3.91
C LEU E 286 15.13 -14.29 -4.18
N TYR E 287 14.89 -15.50 -3.66
CA TYR E 287 13.57 -16.12 -3.74
C TYR E 287 12.56 -15.30 -2.94
N ASN E 288 12.94 -14.87 -1.74
CA ASN E 288 12.03 -14.21 -0.80
C ASN E 288 11.48 -12.88 -1.35
N THR E 289 12.35 -12.08 -1.99
CA THR E 289 12.07 -10.69 -2.39
C THR E 289 11.02 -10.60 -3.51
N ARG E 290 9.83 -10.06 -3.22
CA ARG E 290 8.69 -10.00 -4.16
C ARG E 290 8.95 -9.18 -5.42
N TYR E 291 9.77 -8.12 -5.35
CA TYR E 291 10.16 -7.32 -6.52
C TYR E 291 10.98 -8.12 -7.56
N SER E 292 12.17 -8.61 -7.20
CA SER E 292 13.07 -9.31 -8.12
C SER E 292 12.61 -10.73 -8.48
N SER E 293 11.91 -11.43 -7.60
CA SER E 293 11.39 -12.77 -7.92
C SER E 293 10.34 -12.76 -9.03
N LYS E 294 9.54 -11.70 -9.19
CA LYS E 294 8.63 -11.56 -10.34
C LYS E 294 9.38 -11.46 -11.67
N ARG E 295 10.52 -10.80 -11.69
CA ARG E 295 11.43 -10.78 -12.85
C ARG E 295 11.93 -12.17 -13.17
N ARG E 296 12.36 -12.94 -12.17
CA ARG E 296 12.80 -14.34 -12.37
C ARG E 296 11.72 -15.25 -12.94
N VAL E 297 10.49 -15.21 -12.45
CA VAL E 297 9.36 -15.97 -13.05
C VAL E 297 9.17 -15.59 -14.51
N THR E 298 9.16 -14.29 -14.79
CA THR E 298 8.96 -13.74 -16.15
C THR E 298 10.06 -14.23 -17.10
N VAL E 299 11.32 -14.19 -16.68
CA VAL E 299 12.45 -14.70 -17.44
C VAL E 299 12.34 -16.21 -17.66
N MET E 300 12.18 -17.00 -16.60
CA MET E 300 12.23 -18.46 -16.72
C MET E 300 11.00 -19.05 -17.41
N ILE E 301 9.79 -18.56 -17.18
CA ILE E 301 8.64 -18.99 -18.00
C ILE E 301 8.88 -18.63 -19.47
N SER E 302 9.37 -17.43 -19.77
CA SER E 302 9.64 -17.04 -21.16
C SER E 302 10.71 -17.93 -21.81
N ILE E 303 11.86 -18.14 -21.16
CA ILE E 303 12.91 -19.03 -21.69
C ILE E 303 12.38 -20.45 -21.89
N VAL E 304 11.58 -21.00 -20.97
CA VAL E 304 10.97 -22.32 -21.12
C VAL E 304 10.19 -22.43 -22.43
N TRP E 305 9.24 -21.52 -22.65
CA TRP E 305 8.40 -21.59 -23.85
C TRP E 305 9.19 -21.24 -25.12
N VAL E 306 9.97 -20.17 -25.13
CA VAL E 306 10.80 -19.78 -26.27
C VAL E 306 11.76 -20.89 -26.69
N LEU E 307 12.43 -21.54 -25.75
CA LEU E 307 13.34 -22.64 -26.07
C LEU E 307 12.57 -23.87 -26.56
N SER E 308 11.39 -24.17 -26.01
CA SER E 308 10.58 -25.28 -26.50
C SER E 308 10.05 -25.07 -27.91
N PHE E 309 9.64 -23.83 -28.27
CA PHE E 309 9.30 -23.50 -29.63
C PHE E 309 10.53 -23.59 -30.55
N THR E 310 11.65 -23.02 -30.12
CA THR E 310 12.91 -23.04 -30.87
C THR E 310 13.31 -24.46 -31.26
N ILE E 311 13.31 -25.40 -30.31
CA ILE E 311 13.70 -26.77 -30.60
C ILE E 311 12.71 -27.44 -31.57
N SER E 312 11.41 -27.15 -31.47
CA SER E 312 10.41 -27.72 -32.39
C SER E 312 10.37 -27.06 -33.77
N CYS E 313 10.89 -25.85 -33.94
CA CYS E 313 10.65 -25.04 -35.13
C CYS E 313 11.04 -25.72 -36.47
N PRO E 314 12.11 -26.54 -36.57
CA PRO E 314 12.42 -27.31 -37.78
C PRO E 314 11.29 -28.21 -38.29
N LEU E 315 10.40 -28.68 -37.41
CA LEU E 315 9.21 -29.45 -37.82
C LEU E 315 8.18 -28.56 -38.53
N LEU E 316 8.05 -27.30 -38.14
CA LEU E 316 7.13 -26.36 -38.79
C LEU E 316 7.70 -25.88 -40.13
N PHE E 317 9.03 -25.79 -40.23
CA PHE E 317 9.75 -25.66 -41.51
C PHE E 317 9.70 -26.94 -42.35
N GLY E 318 9.15 -28.05 -41.83
CA GLY E 318 8.97 -29.31 -42.54
C GLY E 318 10.26 -30.10 -42.80
N LEU E 319 11.33 -29.84 -42.03
CA LEU E 319 12.64 -30.48 -42.24
C LEU E 319 12.68 -31.96 -41.83
N ASN E 320 11.64 -32.46 -41.14
CA ASN E 320 11.39 -33.88 -40.96
C ASN E 320 11.01 -34.57 -42.29
N ASN E 321 11.87 -35.46 -42.78
CA ASN E 321 11.71 -36.16 -44.07
C ASN E 321 10.68 -37.33 -44.04
N ALA E 322 9.89 -37.49 -42.98
CA ALA E 322 8.98 -38.62 -42.80
C ALA E 322 7.91 -38.76 -43.90
N ASP E 323 7.50 -40.01 -44.14
CA ASP E 323 6.47 -40.36 -45.14
C ASP E 323 5.05 -40.03 -44.65
N GLN E 324 4.19 -39.59 -45.58
CA GLN E 324 2.78 -39.28 -45.30
C GLN E 324 1.92 -40.51 -44.94
N ASN E 325 2.45 -41.73 -45.11
CA ASN E 325 1.81 -42.97 -44.66
C ASN E 325 1.80 -43.10 -43.12
N GLU E 326 2.85 -42.61 -42.43
CA GLU E 326 3.03 -42.77 -40.98
C GLU E 326 4.02 -41.72 -40.46
N CYS E 327 3.56 -40.48 -40.24
CA CYS E 327 4.42 -39.31 -40.02
C CYS E 327 4.95 -39.17 -38.57
N ILE E 328 5.53 -40.25 -38.04
CA ILE E 328 6.46 -40.22 -36.89
C ILE E 328 7.79 -39.61 -37.37
N ILE E 329 8.51 -38.88 -36.52
CA ILE E 329 9.73 -38.16 -36.92
C ILE E 329 10.81 -39.13 -37.43
N ALA E 330 11.43 -38.82 -38.56
CA ALA E 330 12.37 -39.72 -39.23
C ALA E 330 13.83 -39.22 -39.32
N ASN E 331 14.07 -37.90 -39.33
CA ASN E 331 15.41 -37.33 -39.61
C ASN E 331 16.36 -37.45 -38.39
N PRO E 332 17.42 -38.28 -38.47
CA PRO E 332 18.13 -38.73 -37.27
C PRO E 332 18.88 -37.61 -36.53
N ALA E 333 19.58 -36.73 -37.24
CA ALA E 333 20.34 -35.65 -36.63
C ALA E 333 19.44 -34.71 -35.80
N PHE E 334 18.30 -34.32 -36.37
CA PHE E 334 17.31 -33.53 -35.64
C PHE E 334 16.77 -34.27 -34.42
N VAL E 335 16.38 -35.53 -34.56
CA VAL E 335 15.86 -36.32 -33.44
C VAL E 335 16.86 -36.38 -32.30
N VAL E 336 18.13 -36.67 -32.59
CA VAL E 336 19.20 -36.68 -31.59
C VAL E 336 19.34 -35.31 -30.92
N TYR E 337 19.53 -34.22 -31.68
CA TYR E 337 19.72 -32.89 -31.09
C TYR E 337 18.49 -32.42 -30.29
N SER E 338 17.29 -32.65 -30.82
CA SER E 338 16.04 -32.32 -30.14
C SER E 338 15.90 -33.10 -28.85
N SER E 339 16.12 -34.40 -28.87
CA SER E 339 16.14 -35.23 -27.66
C SER E 339 17.19 -34.75 -26.66
N ILE E 340 18.40 -34.43 -27.11
CA ILE E 340 19.46 -33.94 -26.22
C ILE E 340 19.03 -32.66 -25.51
N VAL E 341 18.70 -31.60 -26.24
CA VAL E 341 18.44 -30.30 -25.59
C VAL E 341 17.07 -30.27 -24.92
N SER E 342 16.10 -31.08 -25.36
CA SER E 342 14.78 -31.13 -24.71
C SER E 342 14.71 -32.06 -23.52
N PHE E 343 15.61 -33.04 -23.41
CA PHE E 343 15.59 -34.00 -22.31
C PHE E 343 16.95 -34.15 -21.67
N TYR E 344 17.96 -34.70 -22.34
CA TYR E 344 19.22 -35.03 -21.64
C TYR E 344 19.85 -33.83 -20.92
N VAL E 345 19.87 -32.64 -21.53
CA VAL E 345 20.36 -31.42 -20.86
C VAL E 345 19.48 -31.01 -19.68
N PRO E 346 18.17 -30.69 -19.82
CA PRO E 346 17.35 -30.33 -18.67
C PRO E 346 17.20 -31.44 -17.63
N PHE E 347 17.32 -32.70 -18.01
CA PHE E 347 17.39 -33.82 -17.08
C PHE E 347 18.68 -33.77 -16.26
N ILE E 348 19.86 -33.65 -16.89
CA ILE E 348 21.12 -33.53 -16.17
C ILE E 348 21.16 -32.27 -15.29
N VAL E 349 20.64 -31.13 -15.76
CA VAL E 349 20.54 -29.93 -14.93
C VAL E 349 19.55 -30.12 -13.78
N THR E 350 18.40 -30.74 -13.98
CA THR E 350 17.47 -31.05 -12.89
C THR E 350 18.06 -32.01 -11.88
N LEU E 351 18.71 -33.08 -12.33
CA LEU E 351 19.38 -34.03 -11.47
C LEU E 351 20.49 -33.34 -10.67
N LEU E 352 21.30 -32.51 -11.31
CA LEU E 352 22.35 -31.73 -10.66
C LEU E 352 21.76 -30.80 -9.59
N VAL E 353 20.75 -29.99 -9.90
CA VAL E 353 20.21 -29.06 -8.88
C VAL E 353 19.42 -29.77 -7.80
N TYR E 354 18.68 -30.84 -8.07
CA TYR E 354 18.08 -31.62 -6.99
C TYR E 354 19.09 -32.47 -6.21
N ILE E 355 20.29 -32.74 -6.73
CA ILE E 355 21.43 -33.18 -5.92
C ILE E 355 21.97 -32.02 -5.08
N LYS E 356 22.10 -30.79 -5.60
CA LYS E 356 22.49 -29.64 -4.77
C LYS E 356 21.49 -29.36 -3.65
N ILE E 357 20.19 -29.47 -3.89
CA ILE E 357 19.14 -29.42 -2.86
C ILE E 357 19.13 -30.68 -1.95
N TYR E 358 20.10 -31.57 -2.08
CA TYR E 358 20.44 -32.63 -1.12
C TYR E 358 21.89 -32.53 -0.61
N ILE E 359 22.66 -31.52 -1.03
CA ILE E 359 23.94 -31.11 -0.42
C ILE E 359 23.65 -29.98 0.58
N VAL E 360 23.08 -28.86 0.14
CA VAL E 360 22.23 -28.07 1.05
C VAL E 360 20.98 -28.92 1.39
N LEU E 361 20.28 -28.61 2.47
CA LEU E 361 19.38 -29.56 3.19
C LEU E 361 20.09 -30.82 3.77
N ARG E 362 21.42 -30.97 3.59
CA ARG E 362 22.27 -31.95 4.32
C ARG E 362 23.54 -31.33 4.94
N ARG E 363 23.86 -30.07 4.59
CA ARG E 363 24.78 -29.18 5.32
C ARG E 363 24.06 -28.28 6.34
N ARG E 364 22.90 -27.73 5.98
CA ARG E 364 22.05 -26.90 6.86
C ARG E 364 21.45 -27.72 8.00
N ARG E 365 20.62 -28.71 7.67
CA ARG E 365 20.29 -29.83 8.57
C ARG E 365 21.51 -30.77 8.66
N LYS E 366 21.79 -31.32 9.84
CA LYS E 366 23.01 -32.07 10.16
C LYS E 366 22.71 -33.38 10.88
N GLN E 511 5.49 -34.95 9.30
CA GLN E 511 6.78 -35.35 8.75
C GLN E 511 7.82 -34.21 8.88
N LYS E 512 9.04 -34.54 9.32
CA LYS E 512 10.17 -33.61 9.54
C LYS E 512 10.76 -33.11 8.21
N GLU E 513 11.90 -32.41 8.25
CA GLU E 513 12.62 -31.97 7.03
C GLU E 513 13.09 -33.13 6.12
N LYS E 514 13.03 -34.38 6.60
CA LYS E 514 12.96 -35.62 5.80
C LYS E 514 12.00 -35.53 4.61
N LYS E 515 10.87 -34.83 4.75
CA LYS E 515 9.89 -34.60 3.67
C LYS E 515 10.51 -33.93 2.44
N ALA E 516 11.46 -33.00 2.61
CA ALA E 516 12.14 -32.41 1.46
C ALA E 516 12.93 -33.47 0.68
N THR E 517 13.67 -34.36 1.36
CA THR E 517 14.32 -35.49 0.67
C THR E 517 13.32 -36.47 0.06
N GLN E 518 12.18 -36.72 0.72
CA GLN E 518 11.10 -37.54 0.15
C GLN E 518 10.53 -36.91 -1.12
N MET E 519 10.35 -35.59 -1.18
CA MET E 519 9.94 -34.89 -2.39
C MET E 519 10.99 -34.94 -3.49
N LEU E 520 12.27 -34.72 -3.19
CA LEU E 520 13.34 -34.87 -4.19
C LEU E 520 13.39 -36.28 -4.76
N ALA E 521 13.24 -37.30 -3.92
CA ALA E 521 13.21 -38.70 -4.33
C ALA E 521 12.01 -39.02 -5.22
N ILE E 522 10.81 -38.55 -4.87
CA ILE E 522 9.60 -38.76 -5.67
C ILE E 522 9.71 -38.02 -7.00
N VAL E 523 10.10 -36.74 -6.99
CA VAL E 523 10.17 -35.92 -8.20
C VAL E 523 11.20 -36.42 -9.19
N LEU E 524 12.45 -36.67 -8.77
CA LEU E 524 13.42 -37.31 -9.66
C LEU E 524 12.97 -38.72 -10.04
N GLY E 525 12.39 -39.49 -9.13
CA GLY E 525 11.87 -40.82 -9.42
C GLY E 525 10.91 -40.80 -10.60
N VAL E 526 9.91 -39.93 -10.57
CA VAL E 526 8.94 -39.76 -11.66
C VAL E 526 9.60 -39.28 -12.95
N PHE E 527 10.47 -38.27 -12.90
CA PHE E 527 11.08 -37.71 -14.10
C PHE E 527 12.09 -38.66 -14.76
N ILE E 528 12.77 -39.51 -13.99
CA ILE E 528 13.49 -40.67 -14.51
C ILE E 528 12.50 -41.67 -15.12
N ILE E 529 11.54 -42.17 -14.34
CA ILE E 529 10.67 -43.29 -14.71
C ILE E 529 9.82 -42.99 -15.95
N CYS E 530 9.25 -41.79 -16.09
CA CYS E 530 8.42 -41.48 -17.24
C CYS E 530 9.24 -41.18 -18.50
N TRP E 531 10.18 -40.23 -18.45
CA TRP E 531 10.84 -39.75 -19.64
C TRP E 531 12.13 -40.49 -20.02
N LEU E 532 12.92 -41.01 -19.08
CA LEU E 532 14.19 -41.66 -19.45
C LEU E 532 14.01 -42.88 -20.39
N PRO E 533 13.02 -43.78 -20.20
CA PRO E 533 12.83 -44.89 -21.13
C PRO E 533 12.53 -44.43 -22.55
N PHE E 534 11.70 -43.38 -22.68
CA PHE E 534 11.41 -42.81 -23.99
C PHE E 534 12.66 -42.22 -24.62
N PHE E 535 13.32 -41.22 -24.03
CA PHE E 535 14.47 -40.59 -24.69
C PHE E 535 15.69 -41.49 -24.83
N ILE E 536 15.78 -42.59 -24.08
CA ILE E 536 16.70 -43.69 -24.38
C ILE E 536 16.29 -44.39 -25.68
N THR E 537 15.10 -45.00 -25.74
CA THR E 537 14.69 -45.74 -26.95
C THR E 537 14.61 -44.86 -28.18
N HIS E 538 14.14 -43.63 -28.06
CA HIS E 538 14.02 -42.69 -29.16
C HIS E 538 15.38 -42.25 -29.75
N ILE E 539 16.48 -42.39 -29.01
CA ILE E 539 17.85 -42.29 -29.58
C ILE E 539 18.36 -43.67 -30.02
N LEU E 540 18.09 -44.73 -29.24
CA LEU E 540 18.55 -46.10 -29.55
C LEU E 540 18.04 -46.59 -30.91
N ASN E 541 16.81 -46.24 -31.29
CA ASN E 541 16.23 -46.51 -32.61
C ASN E 541 17.04 -45.93 -33.78
N ILE E 542 17.91 -44.94 -33.53
CA ILE E 542 18.87 -44.41 -34.49
C ILE E 542 20.24 -45.07 -34.31
N HIS E 543 20.79 -45.10 -33.09
CA HIS E 543 22.14 -45.61 -32.84
C HIS E 543 22.32 -47.13 -33.04
N CYS E 544 21.27 -47.96 -32.91
CA CYS E 544 21.41 -49.42 -32.96
C CYS E 544 21.41 -50.03 -34.37
N ASP E 545 20.95 -49.31 -35.40
CA ASP E 545 20.67 -49.84 -36.75
C ASP E 545 19.80 -51.12 -36.73
N CYS E 546 18.76 -51.13 -35.89
CA CYS E 546 18.04 -52.34 -35.48
C CYS E 546 16.52 -52.13 -35.32
N ASN E 547 15.78 -53.23 -35.24
CA ASN E 547 14.37 -53.23 -34.85
C ASN E 547 14.17 -52.91 -33.36
N ILE E 548 13.01 -52.36 -33.02
CA ILE E 548 12.49 -52.18 -31.66
C ILE E 548 11.06 -52.73 -31.61
N PRO E 549 10.60 -53.40 -30.52
CA PRO E 549 9.23 -53.91 -30.48
C PRO E 549 8.22 -52.75 -30.50
N PRO E 550 7.25 -52.72 -31.43
CA PRO E 550 6.32 -51.60 -31.55
C PRO E 550 5.50 -51.36 -30.27
N VAL E 551 5.11 -52.43 -29.57
CA VAL E 551 4.41 -52.34 -28.29
C VAL E 551 5.29 -51.70 -27.20
N LEU E 552 6.59 -52.00 -27.16
CA LEU E 552 7.53 -51.41 -26.21
C LEU E 552 7.77 -49.92 -26.50
N TYR E 553 8.07 -49.60 -27.76
CA TYR E 553 8.30 -48.22 -28.19
C TYR E 553 7.07 -47.35 -27.98
N SER E 554 5.89 -47.92 -28.23
CA SER E 554 4.66 -47.19 -27.95
C SER E 554 4.44 -47.07 -26.45
N ALA E 555 4.58 -48.16 -25.70
CA ALA E 555 4.42 -48.12 -24.26
C ALA E 555 5.33 -47.08 -23.59
N PHE E 556 6.59 -46.99 -23.99
CA PHE E 556 7.49 -45.95 -23.48
C PHE E 556 7.05 -44.55 -23.93
N THR E 557 6.48 -44.42 -25.13
CA THR E 557 5.88 -43.15 -25.57
C THR E 557 4.72 -42.76 -24.65
N TRP E 558 3.81 -43.68 -24.33
CA TRP E 558 2.72 -43.42 -23.39
C TRP E 558 3.20 -43.14 -21.97
N LEU E 559 4.19 -43.89 -21.49
CA LEU E 559 4.86 -43.67 -20.22
C LEU E 559 5.47 -42.25 -20.14
N GLY E 560 5.94 -41.70 -21.27
CA GLY E 560 6.30 -40.30 -21.38
C GLY E 560 5.11 -39.38 -21.13
N TYR E 561 4.02 -39.53 -21.88
CA TYR E 561 2.82 -38.72 -21.69
C TYR E 561 2.17 -38.90 -20.31
N VAL E 562 2.33 -40.05 -19.66
CA VAL E 562 1.87 -40.30 -18.29
C VAL E 562 2.49 -39.30 -17.31
N ASN E 563 3.69 -38.78 -17.58
CA ASN E 563 4.26 -37.76 -16.74
C ASN E 563 3.35 -36.53 -16.62
N SER E 564 2.68 -36.13 -17.69
CA SER E 564 1.78 -34.98 -17.63
C SER E 564 0.55 -35.21 -16.75
N ALA E 565 0.17 -36.46 -16.49
CA ALA E 565 -0.84 -36.80 -15.49
C ALA E 565 -0.26 -36.75 -14.07
N VAL E 566 0.94 -37.29 -13.91
CA VAL E 566 1.62 -37.38 -12.63
C VAL E 566 2.12 -36.02 -12.12
N ASN E 567 2.59 -35.14 -13.00
CA ASN E 567 3.12 -33.82 -12.70
C ASN E 567 2.24 -33.01 -11.74
N PRO E 568 0.98 -32.69 -12.06
CA PRO E 568 0.15 -31.91 -11.16
C PRO E 568 -0.05 -32.63 -9.83
N ILE E 569 -0.18 -33.96 -9.81
CA ILE E 569 -0.32 -34.72 -8.57
C ILE E 569 0.91 -34.52 -7.69
N ILE E 570 2.12 -34.75 -8.20
CA ILE E 570 3.34 -34.60 -7.41
C ILE E 570 3.58 -33.15 -6.99
N TYR E 571 3.56 -32.22 -7.93
CA TYR E 571 3.90 -30.83 -7.67
C TYR E 571 2.86 -30.06 -6.84
N THR E 572 1.66 -30.61 -6.60
CA THR E 572 0.64 -29.94 -5.76
C THR E 572 0.19 -30.77 -4.57
N THR E 573 -0.18 -32.03 -4.71
CA THR E 573 -0.89 -32.74 -3.62
C THR E 573 0.00 -33.02 -2.40
N PHE E 574 1.31 -32.86 -2.50
CA PHE E 574 2.23 -32.93 -1.36
C PHE E 574 2.36 -31.61 -0.60
N ASN E 575 2.02 -30.46 -1.19
CA ASN E 575 2.03 -29.15 -0.55
C ASN E 575 0.68 -28.92 0.17
N ILE E 576 0.74 -28.63 1.47
CA ILE E 576 -0.47 -28.50 2.30
C ILE E 576 -1.40 -27.36 1.86
N GLU E 577 -0.87 -26.23 1.37
CA GLU E 577 -1.71 -25.15 0.88
C GLU E 577 -2.45 -25.54 -0.41
N PHE E 578 -1.79 -26.30 -1.29
CA PHE E 578 -2.47 -26.94 -2.42
C PHE E 578 -3.50 -27.97 -1.99
N ARG E 579 -3.23 -28.83 -1.00
CA ARG E 579 -4.26 -29.76 -0.46
C ARG E 579 -5.52 -29.01 -0.06
N LYS E 580 -5.37 -27.92 0.70
CA LYS E 580 -6.49 -27.04 1.09
C LYS E 580 -7.18 -26.45 -0.13
N ALA E 581 -6.45 -25.87 -1.07
CA ALA E 581 -7.02 -25.27 -2.27
C ALA E 581 -7.78 -26.28 -3.14
N PHE E 582 -7.28 -27.52 -3.27
CA PHE E 582 -8.00 -28.60 -3.94
C PHE E 582 -9.25 -29.00 -3.16
N LEU E 583 -9.20 -29.16 -1.84
CA LEU E 583 -10.39 -29.46 -1.03
C LEU E 583 -11.45 -28.34 -1.08
N LYS E 584 -11.06 -27.08 -1.32
CA LYS E 584 -12.02 -25.98 -1.55
C LYS E 584 -12.79 -26.13 -2.86
N ILE E 585 -12.15 -26.65 -3.93
CA ILE E 585 -12.84 -27.00 -5.18
C ILE E 585 -13.64 -28.30 -5.00
N LEU E 586 -13.00 -29.33 -4.44
CA LEU E 586 -13.53 -30.69 -4.29
C LEU E 586 -14.41 -30.81 -3.03
N1 R5F F . 6.88 -37.84 -29.30
C4 R5F F . 6.76 -38.71 -30.57
C5 R5F F . 5.34 -39.20 -30.95
C6 R5F F . 5.35 -40.64 -31.41
C7 R5F F . 6.56 -41.37 -31.47
C8 R5F F . 6.34 -42.64 -31.98
C10 R5F F . 8.28 -37.22 -29.12
C13 R5F F . 10.72 -35.55 -29.09
C15 R5F F . 8.26 -35.84 -28.41
C17 R5F F . 11.08 -33.70 -27.00
C1 R5F F . 5.95 -39.15 -25.69
O1 R5F F . 13.00 -35.12 -29.76
S1 R5F F . 3.98 -41.54 -32.00
C2 R5F F . 6.49 -38.12 -26.71
C3 R5F F . 6.49 -38.74 -28.12
C9 R5F F . 5.04 -42.86 -32.31
C11 R5F F . 9.10 -37.04 -30.41
C12 R5F F . 10.56 -36.63 -30.14
C14 R5F F . 9.65 -35.25 -28.21
C16 R5F F . 9.86 -34.35 -27.16
C18 R5F F . 12.12 -33.94 -27.91
C19 R5F F . 11.95 -34.88 -28.93
H2 R5F F . 7.13 -38.13 -31.42
H3 R5F F . 7.43 -39.57 -30.44
H4 R5F F . 4.65 -39.08 -30.11
H5 R5F F . 4.96 -38.55 -31.74
H6 R5F F . 7.52 -40.99 -31.16
H7 R5F F . 7.13 -43.38 -32.11
H8 R5F F . 8.84 -37.90 -28.47
H9 R5F F . 7.75 -35.92 -27.44
H10 R5F F . 7.66 -35.16 -29.00
H11 R5F F . 11.23 -33.01 -26.18
H12 R5F F . 5.70 -38.67 -24.73
H13 R5F F . 6.69 -39.94 -25.49
H14 R5F F . 5.04 -39.63 -26.05
H15 R5F F . 12.75 -35.88 -30.32
H16 R5F F . 5.88 -37.22 -26.69
H17 R5F F . 7.51 -37.85 -26.41
H18 R5F F . 5.48 -39.09 -28.31
H19 R5F F . 7.14 -39.60 -28.12
H20 R5F F . 4.66 -43.79 -32.72
H21 R5F F . 9.14 -37.96 -31.00
H22 R5F F . 8.62 -36.28 -31.04
H23 R5F F . 11.10 -37.52 -29.79
H24 R5F F . 11.01 -36.32 -31.08
H25 R5F F . 9.07 -34.17 -26.44
H26 R5F F . 13.08 -33.43 -27.81
#